data_2BPM
#
_entry.id   2BPM
#
_cell.length_a   183.614
_cell.length_b   183.614
_cell.length_c   214.129
_cell.angle_alpha   90.00
_cell.angle_beta   90.00
_cell.angle_gamma   120.00
#
_symmetry.space_group_name_H-M   'P 62 2 2'
#
loop_
_entity.id
_entity.type
_entity.pdbx_description
1 polymer 'CELL DIVISION PROTEIN KINASE 2'
2 polymer 'CYCLIN A2'
3 non-polymer (2S)-N-[(3Z)-5-CYCLOPROPYL-3H-PYRAZOL-3-YLIDENE]-2-[4-(2-OXOIMIDAZOLIDIN-1-YL)PHENYL]PROPANAMIDE
4 non-polymer 'SULFATE ION'
5 water water
#
loop_
_entity_poly.entity_id
_entity_poly.type
_entity_poly.pdbx_seq_one_letter_code
_entity_poly.pdbx_strand_id
1 'polypeptide(L)'
;GPLVDMENFQKVEKIGEGTYGVVYKARNKLTGEVVALKKIRLDTETEGVPSTAIREISLLKELNHPNIVKLLDVIHTENK
LYLVFEFLHQDLKKFMDASALTGIPLPLIKSYLFQLLQGLAFCHSHRVLHRDLKPQNLLINTEGAIKLADFGLARAFGVP
VRTYTHEVVTLWYRAPEILLGCKYYSTAVDIWSLGCIFAEMVTRRALFPGDSEIDQLFRIFRTLGTPDEVVWPGVTSMPD
YKPSFPKWARQDFSKVVPPLDEDGRSLLSQMLHYDPNKRISAKAALAHPFFQDVTKPVPHLRLERPHRD
;
A,C
2 'polypeptide(L)'
;GPLGSNEVPDYHEDIHTYLREMEVKCKPKVGYMKKQPDITNSMRAILVDWLVEVGEEYKLQNETLHLAVNYIDRFLSSMS
VLRGKLQLVGTAAMLLASKFEEIYPPEVAEFVYITDDTYTKKQVLRMEHLVLKVLTFDLAAPTVNQFLTQYFLHQQPANC
KVESLAMFLGELSLIDADPYLKYLPSVIAGAAFHLALYTVTGQSWPESLIRKTGYTLESLKPCLMDLHQTYLKAPQHAQQ
SIREKYKNSKYHGVSLLNPPETLNL
;
B,D
#
loop_
_chem_comp.id
_chem_comp.type
_chem_comp.name
_chem_comp.formula
529 non-polymer (2S)-N-[(3Z)-5-CYCLOPROPYL-3H-PYRAZOL-3-YLIDENE]-2-[4-(2-OXOIMIDAZOLIDIN-1-YL)PHENYL]PROPANAMIDE 'C18 H19 N5 O2'
SO4 non-polymer 'SULFATE ION' 'O4 S -2'
#
# COMPACT_ATOMS: atom_id res chain seq x y z
N PRO A 2 -4.02 16.27 4.84
CA PRO A 2 -3.54 16.51 6.22
C PRO A 2 -4.45 17.45 7.00
N LEU A 3 -4.53 18.70 6.55
CA LEU A 3 -5.38 19.69 7.20
C LEU A 3 -6.85 19.37 6.96
N VAL A 4 -7.13 18.69 5.85
CA VAL A 4 -8.49 18.31 5.49
C VAL A 4 -8.96 17.19 6.42
N ASP A 5 -8.08 16.23 6.69
CA ASP A 5 -8.40 15.12 7.56
C ASP A 5 -8.75 15.64 8.96
N MET A 6 -7.98 16.61 9.44
CA MET A 6 -8.22 17.19 10.76
C MET A 6 -9.55 17.94 10.82
N GLU A 7 -10.00 18.47 9.70
CA GLU A 7 -11.27 19.17 9.63
C GLU A 7 -12.45 18.20 9.77
N ASN A 8 -12.24 16.96 9.35
CA ASN A 8 -13.29 15.95 9.43
C ASN A 8 -13.52 15.49 10.88
N PHE A 9 -12.67 15.95 11.81
CA PHE A 9 -12.85 15.56 13.21
C PHE A 9 -13.44 16.67 14.04
N GLN A 10 -14.45 16.28 14.83
CA GLN A 10 -15.13 17.19 15.73
C GLN A 10 -14.63 16.83 17.13
N LYS A 11 -13.99 17.78 17.80
CA LYS A 11 -13.50 17.51 19.14
C LYS A 11 -14.68 17.43 20.08
N VAL A 12 -14.70 16.37 20.88
CA VAL A 12 -15.76 16.15 21.85
C VAL A 12 -15.34 16.74 23.18
N GLU A 13 -14.23 16.23 23.73
CA GLU A 13 -13.70 16.72 25.00
C GLU A 13 -12.30 16.17 25.29
N LYS A 14 -11.56 16.88 26.14
CA LYS A 14 -10.22 16.44 26.50
C LYS A 14 -10.42 15.22 27.42
N ILE A 15 -9.71 14.13 27.14
CA ILE A 15 -9.84 12.97 28.00
C ILE A 15 -8.54 12.60 28.71
N GLY A 16 -7.48 13.33 28.41
CA GLY A 16 -6.21 13.04 29.04
C GLY A 16 -5.08 13.99 28.71
N GLU A 17 -4.07 13.98 29.58
CA GLU A 17 -2.90 14.83 29.42
C GLU A 17 -1.68 13.94 29.19
N GLY A 18 -0.49 14.51 29.37
CA GLY A 18 0.72 13.73 29.17
C GLY A 18 1.90 14.55 28.69
N THR A 19 3.06 13.90 28.60
CA THR A 19 4.27 14.55 28.14
C THR A 19 4.18 14.75 26.64
N TYR A 20 3.88 13.67 25.92
CA TYR A 20 3.75 13.71 24.47
C TYR A 20 2.76 14.78 24.03
N GLY A 21 1.76 15.06 24.88
CA GLY A 21 0.78 16.07 24.54
C GLY A 21 -0.60 15.88 25.17
N VAL A 22 -1.64 16.18 24.40
CA VAL A 22 -3.02 16.06 24.88
C VAL A 22 -3.82 15.06 24.06
N VAL A 23 -4.75 14.38 24.72
CA VAL A 23 -5.61 13.41 24.05
C VAL A 23 -7.06 13.88 24.11
N TYR A 24 -7.74 13.81 22.97
CA TYR A 24 -9.13 14.22 22.91
C TYR A 24 -10.04 13.12 22.41
N LYS A 25 -11.27 13.11 22.92
CA LYS A 25 -12.26 12.17 22.43
C LYS A 25 -12.80 12.99 21.25
N ALA A 26 -12.98 12.35 20.11
CA ALA A 26 -13.48 13.10 18.96
C ALA A 26 -14.39 12.25 18.09
N ARG A 27 -15.02 12.87 17.12
CA ARG A 27 -15.90 12.14 16.23
C ARG A 27 -15.64 12.46 14.76
N ASN A 28 -15.64 11.42 13.93
CA ASN A 28 -15.46 11.61 12.51
C ASN A 28 -16.79 12.21 12.01
N LYS A 29 -16.75 13.43 11.51
CA LYS A 29 -17.94 14.11 11.02
C LYS A 29 -18.65 13.41 9.85
N LEU A 30 -17.88 12.73 9.02
CA LEU A 30 -18.47 12.08 7.86
C LEU A 30 -18.96 10.67 8.14
N THR A 31 -18.24 9.92 8.99
CA THR A 31 -18.60 8.54 9.27
C THR A 31 -19.30 8.32 10.60
N GLY A 32 -19.15 9.29 11.50
CA GLY A 32 -19.75 9.16 12.82
C GLY A 32 -18.91 8.33 13.78
N GLU A 33 -17.77 7.81 13.30
CA GLU A 33 -16.90 6.99 14.15
C GLU A 33 -16.31 7.79 15.30
N VAL A 34 -16.40 7.22 16.50
CA VAL A 34 -15.84 7.87 17.69
C VAL A 34 -14.38 7.46 17.82
N VAL A 35 -13.49 8.42 18.09
CA VAL A 35 -12.08 8.10 18.20
C VAL A 35 -11.36 8.88 19.31
N ALA A 36 -10.12 8.50 19.54
CA ALA A 36 -9.29 9.18 20.53
C ALA A 36 -8.11 9.77 19.75
N LEU A 37 -7.97 11.09 19.82
CA LEU A 37 -6.91 11.79 19.11
C LEU A 37 -5.77 12.17 20.03
N LYS A 38 -4.58 11.61 19.77
CA LYS A 38 -3.42 11.95 20.57
C LYS A 38 -2.75 13.07 19.78
N LYS A 39 -2.60 14.23 20.41
CA LYS A 39 -2.00 15.39 19.76
C LYS A 39 -0.57 15.60 20.22
N ILE A 40 0.33 15.88 19.28
CA ILE A 40 1.74 16.12 19.61
C ILE A 40 2.23 17.43 19.01
N ARG A 41 2.53 18.41 19.86
CA ARG A 41 3.05 19.69 19.36
C ARG A 41 4.53 19.51 19.06
N LEU A 42 4.89 19.72 17.80
CA LEU A 42 6.25 19.57 17.35
C LEU A 42 7.13 20.82 17.50
N ASP A 43 6.60 21.83 18.18
CA ASP A 43 7.35 23.07 18.37
C ASP A 43 7.78 23.24 19.82
N THR A 44 7.42 22.27 20.66
CA THR A 44 7.77 22.33 22.08
C THR A 44 9.23 21.94 22.31
N GLU A 45 9.83 21.26 21.33
CA GLU A 45 11.23 20.84 21.47
C GLU A 45 12.06 21.13 20.23
N THR A 46 11.40 21.35 19.10
CA THR A 46 12.09 21.62 17.84
C THR A 46 13.24 20.61 17.68
N GLU A 47 12.90 19.33 17.88
CA GLU A 47 13.86 18.26 17.77
C GLU A 47 13.33 17.21 16.78
N GLY A 48 12.34 17.61 16.00
CA GLY A 48 11.74 16.71 15.02
C GLY A 48 10.65 15.88 15.69
N VAL A 49 10.30 14.75 15.08
CA VAL A 49 9.27 13.91 15.68
C VAL A 49 9.88 13.19 16.87
N PRO A 50 9.23 13.26 18.03
CA PRO A 50 9.71 12.61 19.26
C PRO A 50 9.98 11.11 19.07
N SER A 51 11.11 10.66 19.62
CA SER A 51 11.50 9.26 19.54
C SER A 51 10.36 8.36 19.99
N THR A 52 9.72 8.76 21.08
CA THR A 52 8.61 8.02 21.64
C THR A 52 7.50 7.81 20.60
N ALA A 53 7.21 8.85 19.82
CA ALA A 53 6.16 8.76 18.79
C ALA A 53 6.63 7.86 17.65
N ILE A 54 7.89 8.01 17.28
CA ILE A 54 8.48 7.20 16.22
C ILE A 54 8.21 5.72 16.50
N ARG A 55 8.58 5.28 17.70
CA ARG A 55 8.39 3.89 18.09
C ARG A 55 6.94 3.47 18.29
N GLU A 56 6.16 4.30 18.98
CA GLU A 56 4.76 3.95 19.20
C GLU A 56 4.02 3.74 17.87
N ILE A 57 4.23 4.67 16.93
CA ILE A 57 3.58 4.57 15.64
C ILE A 57 4.05 3.37 14.82
N SER A 58 5.37 3.25 14.64
CA SER A 58 5.92 2.14 13.85
C SER A 58 5.63 0.77 14.42
N LEU A 59 5.63 0.65 15.74
CA LEU A 59 5.38 -0.66 16.33
C LEU A 59 3.89 -0.97 16.41
N LEU A 60 3.10 0.03 16.72
CA LEU A 60 1.66 -0.15 16.85
C LEU A 60 1.02 -0.51 15.52
N LYS A 61 1.43 0.12 14.43
CA LYS A 61 0.81 -0.21 13.17
C LYS A 61 1.19 -1.61 12.67
N GLU A 62 2.01 -2.32 13.45
CA GLU A 62 2.39 -3.69 13.10
C GLU A 62 1.61 -4.62 14.02
N LEU A 63 1.04 -4.05 15.06
CA LEU A 63 0.30 -4.85 16.04
C LEU A 63 -1.22 -4.74 15.93
N ASN A 64 -1.80 -5.49 15.01
CA ASN A 64 -3.25 -5.49 14.86
C ASN A 64 -3.76 -6.73 15.57
N HIS A 65 -4.38 -6.53 16.72
CA HIS A 65 -4.89 -7.63 17.53
C HIS A 65 -6.04 -7.08 18.36
N PRO A 66 -7.10 -7.88 18.58
CA PRO A 66 -8.24 -7.40 19.37
C PRO A 66 -7.93 -6.93 20.78
N ASN A 67 -6.82 -7.37 21.34
CA ASN A 67 -6.45 -6.98 22.69
C ASN A 67 -5.32 -5.98 22.76
N ILE A 68 -5.09 -5.27 21.65
CA ILE A 68 -4.08 -4.23 21.59
C ILE A 68 -4.79 -3.01 21.02
N VAL A 69 -4.69 -1.86 21.69
CA VAL A 69 -5.36 -0.67 21.21
C VAL A 69 -4.99 -0.45 19.74
N LYS A 70 -6.00 -0.11 18.94
CA LYS A 70 -5.78 0.06 17.51
C LYS A 70 -5.46 1.49 17.08
N LEU A 71 -4.41 1.62 16.27
CA LEU A 71 -4.01 2.91 15.73
C LEU A 71 -4.69 2.96 14.36
N LEU A 72 -5.64 3.88 14.22
CA LEU A 72 -6.40 4.00 12.99
C LEU A 72 -5.72 4.86 11.95
N ASP A 73 -5.09 5.94 12.38
CA ASP A 73 -4.44 6.82 11.43
C ASP A 73 -3.37 7.68 12.06
N VAL A 74 -2.62 8.37 11.20
CA VAL A 74 -1.56 9.27 11.61
C VAL A 74 -1.64 10.47 10.66
N ILE A 75 -1.83 11.65 11.24
CA ILE A 75 -1.89 12.87 10.45
C ILE A 75 -0.71 13.74 10.86
N HIS A 76 0.19 13.95 9.91
CA HIS A 76 1.40 14.73 10.14
C HIS A 76 1.34 16.08 9.45
N THR A 77 0.92 17.12 10.17
CA THR A 77 0.87 18.45 9.57
C THR A 77 2.29 19.04 9.67
N GLU A 78 2.39 20.35 9.48
CA GLU A 78 3.69 21.01 9.54
C GLU A 78 4.20 21.14 10.97
N ASN A 79 3.33 21.64 11.85
CA ASN A 79 3.70 21.85 13.24
C ASN A 79 3.04 20.88 14.22
N LYS A 80 2.24 19.94 13.70
CA LYS A 80 1.56 18.99 14.57
C LYS A 80 1.52 17.55 14.06
N LEU A 81 1.39 16.61 14.99
CA LEU A 81 1.31 15.20 14.68
C LEU A 81 0.12 14.62 15.45
N TYR A 82 -0.84 14.04 14.73
CA TYR A 82 -1.98 13.45 15.40
C TYR A 82 -2.00 11.96 15.20
N LEU A 83 -2.20 11.23 16.29
CA LEU A 83 -2.32 9.78 16.19
C LEU A 83 -3.81 9.55 16.47
N VAL A 84 -4.47 8.78 15.62
CA VAL A 84 -5.90 8.50 15.81
C VAL A 84 -6.06 7.05 16.24
N PHE A 85 -6.70 6.86 17.39
CA PHE A 85 -6.92 5.52 17.93
C PHE A 85 -8.40 5.19 18.07
N GLU A 86 -8.70 3.91 18.29
CA GLU A 86 -10.08 3.53 18.54
C GLU A 86 -10.32 4.11 19.94
N PHE A 87 -11.59 4.30 20.30
CA PHE A 87 -11.89 4.84 21.61
C PHE A 87 -12.45 3.76 22.54
N LEU A 88 -12.01 3.79 23.79
CA LEU A 88 -12.50 2.86 24.80
C LEU A 88 -12.93 3.71 26.00
N HIS A 89 -13.98 3.28 26.68
CA HIS A 89 -14.54 4.06 27.80
C HIS A 89 -13.76 4.24 29.09
N GLN A 90 -12.97 3.27 29.48
CA GLN A 90 -12.30 3.35 30.77
C GLN A 90 -10.94 2.64 30.80
N ASP A 91 -10.14 2.95 31.82
CA ASP A 91 -8.85 2.26 31.98
C ASP A 91 -8.94 1.42 33.26
N LEU A 92 -8.15 0.36 33.34
CA LEU A 92 -8.19 -0.56 34.47
C LEU A 92 -7.95 0.08 35.83
N LYS A 93 -7.09 1.10 35.90
CA LYS A 93 -6.83 1.74 37.18
C LYS A 93 -8.09 2.40 37.78
N LYS A 94 -8.82 3.14 36.98
CA LYS A 94 -10.04 3.80 37.45
C LYS A 94 -11.11 2.75 37.75
N PHE A 95 -11.10 1.66 37.00
CA PHE A 95 -12.05 0.60 37.24
C PHE A 95 -11.79 -0.09 38.58
N MET A 96 -10.52 -0.38 38.89
CA MET A 96 -10.17 -1.03 40.15
C MET A 96 -10.60 -0.12 41.29
N ASP A 97 -10.29 1.16 41.15
CA ASP A 97 -10.65 2.13 42.17
C ASP A 97 -12.17 2.16 42.35
N ALA A 98 -12.90 2.19 41.24
CA ALA A 98 -14.35 2.23 41.31
C ALA A 98 -14.94 0.92 41.80
N SER A 99 -14.13 -0.15 41.82
CA SER A 99 -14.62 -1.46 42.27
C SER A 99 -14.15 -1.78 43.68
N ALA A 100 -13.54 -0.82 44.35
CA ALA A 100 -13.00 -1.06 45.69
C ALA A 100 -13.98 -1.72 46.66
N LEU A 101 -15.17 -1.14 46.77
CA LEU A 101 -16.20 -1.63 47.66
C LEU A 101 -16.62 -3.08 47.44
N THR A 102 -16.89 -3.43 46.20
CA THR A 102 -17.35 -4.77 45.86
C THR A 102 -16.28 -5.72 45.39
N GLY A 103 -15.26 -5.18 44.74
CA GLY A 103 -14.18 -6.00 44.21
C GLY A 103 -14.59 -6.55 42.86
N ILE A 104 -13.67 -6.50 41.89
CA ILE A 104 -13.93 -7.03 40.57
C ILE A 104 -14.17 -8.53 40.73
N PRO A 105 -15.31 -9.03 40.24
CA PRO A 105 -15.66 -10.47 40.33
C PRO A 105 -14.60 -11.36 39.68
N LEU A 106 -14.32 -12.49 40.30
CA LEU A 106 -13.31 -13.42 39.79
C LEU A 106 -13.40 -13.82 38.31
N PRO A 107 -14.62 -14.11 37.80
CA PRO A 107 -14.69 -14.49 36.37
C PRO A 107 -14.21 -13.38 35.45
N LEU A 108 -14.48 -12.13 35.87
CA LEU A 108 -14.08 -10.97 35.10
C LEU A 108 -12.57 -10.77 35.20
N ILE A 109 -12.00 -11.07 36.36
CA ILE A 109 -10.57 -10.95 36.55
C ILE A 109 -9.87 -11.99 35.65
N LYS A 110 -10.46 -13.18 35.60
CA LYS A 110 -9.91 -14.24 34.78
C LYS A 110 -9.93 -13.81 33.31
N SER A 111 -11.07 -13.30 32.87
CA SER A 111 -11.25 -12.84 31.49
C SER A 111 -10.25 -11.77 31.09
N TYR A 112 -10.09 -10.76 31.95
CA TYR A 112 -9.14 -9.69 31.69
C TYR A 112 -7.71 -10.20 31.62
N LEU A 113 -7.33 -11.12 32.50
CA LEU A 113 -5.97 -11.66 32.50
C LEU A 113 -5.75 -12.44 31.21
N PHE A 114 -6.75 -13.26 30.86
CA PHE A 114 -6.72 -14.07 29.65
C PHE A 114 -6.48 -13.18 28.42
N GLN A 115 -7.27 -12.12 28.30
CA GLN A 115 -7.14 -11.22 27.18
C GLN A 115 -5.83 -10.46 27.17
N LEU A 116 -5.36 -10.06 28.35
CA LEU A 116 -4.10 -9.33 28.43
C LEU A 116 -2.96 -10.24 27.98
N LEU A 117 -3.02 -11.51 28.36
CA LEU A 117 -1.97 -12.44 27.96
C LEU A 117 -1.99 -12.67 26.46
N GLN A 118 -3.18 -12.57 25.85
CA GLN A 118 -3.29 -12.77 24.40
C GLN A 118 -2.68 -11.59 23.66
N GLY A 119 -2.95 -10.39 24.15
CA GLY A 119 -2.38 -9.22 23.53
C GLY A 119 -0.87 -9.19 23.74
N LEU A 120 -0.42 -9.56 24.94
CA LEU A 120 1.00 -9.56 25.23
C LEU A 120 1.73 -10.64 24.41
N ALA A 121 1.12 -11.81 24.26
CA ALA A 121 1.73 -12.86 23.47
C ALA A 121 1.91 -12.38 22.03
N PHE A 122 0.91 -11.68 21.49
CA PHE A 122 0.99 -11.18 20.14
C PHE A 122 2.17 -10.24 20.03
N CYS A 123 2.33 -9.35 21.01
CA CYS A 123 3.44 -8.41 21.00
C CYS A 123 4.78 -9.15 20.94
N HIS A 124 4.98 -10.03 21.91
CA HIS A 124 6.21 -10.79 22.04
C HIS A 124 6.56 -11.64 20.82
N SER A 125 5.57 -12.35 20.27
CA SER A 125 5.84 -13.17 19.10
C SER A 125 6.05 -12.29 17.87
N HIS A 126 6.02 -10.97 18.06
CA HIS A 126 6.25 -10.02 16.98
C HIS A 126 7.39 -9.11 17.39
N ARG A 127 8.25 -9.67 18.25
CA ARG A 127 9.43 -8.99 18.78
C ARG A 127 9.22 -7.59 19.35
N VAL A 128 8.10 -7.42 20.04
CA VAL A 128 7.82 -6.13 20.67
C VAL A 128 7.64 -6.28 22.19
N LEU A 129 8.41 -5.50 22.94
CA LEU A 129 8.34 -5.49 24.40
C LEU A 129 7.55 -4.24 24.76
N HIS A 130 6.54 -4.40 25.61
CA HIS A 130 5.74 -3.23 26.02
C HIS A 130 6.52 -2.37 27.00
N ARG A 131 6.97 -2.99 28.09
CA ARG A 131 7.78 -2.32 29.12
C ARG A 131 7.10 -1.27 29.99
N ASP A 132 5.79 -1.14 29.93
CA ASP A 132 5.14 -0.16 30.79
C ASP A 132 3.73 -0.61 31.12
N LEU A 133 3.62 -1.88 31.49
CA LEU A 133 2.34 -2.44 31.83
C LEU A 133 1.93 -2.10 33.26
N LYS A 134 0.90 -1.27 33.35
CA LYS A 134 0.34 -0.85 34.62
C LYS A 134 -1.16 -0.60 34.39
N PRO A 135 -1.99 -0.82 35.40
CA PRO A 135 -3.45 -0.62 35.30
C PRO A 135 -3.92 0.55 34.42
N GLN A 136 -3.27 1.68 34.58
CA GLN A 136 -3.58 2.91 33.85
C GLN A 136 -3.41 2.82 32.32
N ASN A 137 -2.54 1.93 31.85
CA ASN A 137 -2.29 1.76 30.42
C ASN A 137 -3.09 0.60 29.80
N LEU A 138 -4.08 0.12 30.54
CA LEU A 138 -4.91 -0.94 30.02
C LEU A 138 -6.33 -0.37 29.86
N LEU A 139 -6.86 -0.43 28.63
CA LEU A 139 -8.18 0.11 28.34
C LEU A 139 -9.29 -0.94 28.33
N ILE A 140 -10.47 -0.57 28.82
CA ILE A 140 -11.59 -1.49 28.84
C ILE A 140 -12.84 -0.83 28.28
N ASN A 141 -13.71 -1.65 27.71
CA ASN A 141 -14.96 -1.14 27.16
C ASN A 141 -16.16 -1.78 27.86
N THR A 142 -17.36 -1.42 27.43
CA THR A 142 -18.59 -1.92 28.03
C THR A 142 -18.90 -3.38 27.70
N GLU A 143 -18.28 -3.89 26.64
CA GLU A 143 -18.51 -5.27 26.18
C GLU A 143 -17.70 -6.33 26.92
N GLY A 144 -16.69 -5.92 27.66
CA GLY A 144 -15.90 -6.91 28.38
C GLY A 144 -14.49 -7.14 27.82
N ALA A 145 -14.06 -6.30 26.90
CA ALA A 145 -12.74 -6.43 26.32
C ALA A 145 -11.75 -5.55 27.07
N ILE A 146 -10.49 -5.97 27.08
CA ILE A 146 -9.43 -5.20 27.72
C ILE A 146 -8.32 -5.22 26.67
N LYS A 147 -7.62 -4.10 26.51
CA LYS A 147 -6.58 -4.01 25.51
C LYS A 147 -5.35 -3.27 26.01
N LEU A 148 -4.18 -3.68 25.52
CA LEU A 148 -2.93 -3.04 25.92
C LEU A 148 -2.87 -1.69 25.22
N ALA A 149 -2.39 -0.68 25.93
CA ALA A 149 -2.28 0.64 25.36
C ALA A 149 -1.01 1.32 25.86
N ASP A 150 -0.76 2.51 25.34
CA ASP A 150 0.41 3.32 25.67
C ASP A 150 1.72 2.60 25.38
N PHE A 151 2.13 2.63 24.11
CA PHE A 151 3.35 2.00 23.66
C PHE A 151 4.47 3.04 23.58
N GLY A 152 4.38 4.04 24.44
CA GLY A 152 5.37 5.09 24.47
C GLY A 152 6.75 4.65 24.88
N LEU A 153 6.84 3.48 25.50
CA LEU A 153 8.14 2.96 25.94
C LEU A 153 8.42 1.61 25.29
N ALA A 154 7.55 1.19 24.37
CA ALA A 154 7.72 -0.08 23.69
C ALA A 154 8.99 -0.10 22.83
N ARG A 155 9.55 -1.29 22.66
CA ARG A 155 10.78 -1.42 21.86
C ARG A 155 10.78 -2.74 21.11
N ALA A 156 11.34 -2.71 19.90
CA ALA A 156 11.45 -3.92 19.09
C ALA A 156 12.68 -4.66 19.62
N PHE A 157 12.61 -5.98 19.74
CA PHE A 157 13.80 -6.69 20.21
C PHE A 157 14.37 -7.74 19.26
N GLY A 158 14.45 -7.40 17.98
CA GLY A 158 15.05 -8.30 17.01
C GLY A 158 16.52 -8.34 17.41
N VAL A 159 16.91 -7.27 18.11
CA VAL A 159 18.24 -7.08 18.64
C VAL A 159 17.99 -6.65 20.10
N PRO A 160 18.77 -7.19 21.06
CA PRO A 160 18.68 -6.92 22.50
C PRO A 160 18.41 -5.47 22.89
N VAL A 161 17.45 -5.31 23.81
CA VAL A 161 17.08 -3.99 24.30
C VAL A 161 17.77 -3.71 25.63
N ARG A 162 18.57 -2.64 25.65
CA ARG A 162 19.33 -2.25 26.82
C ARG A 162 18.52 -1.48 27.85
N THR A 163 18.87 -1.69 29.12
CA THR A 163 18.22 -1.03 30.23
C THR A 163 18.65 0.43 30.30
N TYR A 164 17.69 1.30 30.60
CA TYR A 164 17.97 2.73 30.70
C TYR A 164 17.20 3.32 31.87
N THR A 165 17.94 3.88 32.81
CA THR A 165 17.40 4.50 34.02
C THR A 165 16.18 5.41 33.86
N HIS A 166 16.19 6.29 32.88
CA HIS A 166 15.09 7.23 32.67
C HIS A 166 13.83 6.63 32.04
N GLU A 167 13.99 5.65 31.15
CA GLU A 167 12.83 5.03 30.52
C GLU A 167 12.49 3.69 31.16
N VAL A 168 11.71 3.74 32.22
CA VAL A 168 11.29 2.52 32.94
C VAL A 168 9.89 2.63 33.51
N VAL A 169 9.22 1.49 33.60
CA VAL A 169 7.87 1.45 34.15
C VAL A 169 7.92 1.92 35.60
N THR A 170 6.80 2.46 36.08
CA THR A 170 6.71 2.93 37.43
C THR A 170 7.09 1.78 38.37
N LEU A 171 7.73 2.14 39.48
CA LEU A 171 8.22 1.23 40.50
C LEU A 171 7.39 0.00 40.87
N TRP A 172 6.13 0.19 41.26
CA TRP A 172 5.27 -0.92 41.67
C TRP A 172 5.18 -2.14 40.77
N TYR A 173 5.39 -1.96 39.47
CA TYR A 173 5.28 -3.06 38.53
C TYR A 173 6.62 -3.45 37.91
N ARG A 174 7.69 -2.84 38.42
CA ARG A 174 9.04 -3.08 37.93
C ARG A 174 9.57 -4.46 38.37
N ALA A 175 10.03 -5.25 37.41
CA ALA A 175 10.56 -6.58 37.68
C ALA A 175 11.88 -6.52 38.47
N PRO A 176 12.14 -7.55 39.29
CA PRO A 176 13.35 -7.62 40.11
C PRO A 176 14.69 -7.51 39.35
N GLU A 177 14.77 -8.11 38.15
CA GLU A 177 16.01 -8.06 37.36
C GLU A 177 16.37 -6.63 37.08
N ILE A 178 15.37 -5.81 36.78
CA ILE A 178 15.60 -4.41 36.46
C ILE A 178 16.11 -3.70 37.70
N LEU A 179 15.44 -3.94 38.83
CA LEU A 179 15.84 -3.33 40.10
C LEU A 179 17.28 -3.75 40.47
N LEU A 180 17.63 -5.01 40.23
CA LEU A 180 18.97 -5.51 40.55
C LEU A 180 20.00 -5.14 39.49
N GLY A 181 19.61 -4.26 38.56
CA GLY A 181 20.52 -3.79 37.52
C GLY A 181 20.87 -4.64 36.31
N CYS A 182 20.00 -5.55 35.87
CA CYS A 182 20.31 -6.37 34.69
C CYS A 182 20.64 -5.43 33.53
N LYS A 183 21.41 -5.93 32.57
CA LYS A 183 21.84 -5.13 31.43
C LYS A 183 20.78 -5.05 30.32
N TYR A 184 20.15 -6.19 30.05
CA TYR A 184 19.15 -6.27 29.00
C TYR A 184 17.75 -6.64 29.47
N TYR A 185 16.77 -6.07 28.77
CA TYR A 185 15.36 -6.33 29.03
C TYR A 185 15.06 -7.66 28.36
N SER A 186 13.95 -8.27 28.71
CA SER A 186 13.54 -9.52 28.10
C SER A 186 12.03 -9.53 28.26
N THR A 187 11.35 -10.39 27.51
CA THR A 187 9.89 -10.48 27.60
C THR A 187 9.40 -10.69 29.04
N ALA A 188 10.24 -11.28 29.89
CA ALA A 188 9.85 -11.56 31.28
C ALA A 188 9.40 -10.36 32.10
N VAL A 189 9.91 -9.17 31.80
CA VAL A 189 9.50 -8.00 32.56
C VAL A 189 8.01 -7.67 32.36
N ASP A 190 7.45 -7.97 31.19
CA ASP A 190 6.04 -7.69 30.97
C ASP A 190 5.18 -8.70 31.72
N ILE A 191 5.64 -9.95 31.79
CA ILE A 191 4.87 -10.95 32.50
C ILE A 191 4.82 -10.61 33.99
N TRP A 192 5.94 -10.14 34.52
CA TRP A 192 6.02 -9.77 35.93
C TRP A 192 4.97 -8.69 36.23
N SER A 193 4.95 -7.64 35.41
CA SER A 193 3.99 -6.55 35.56
C SER A 193 2.56 -7.10 35.58
N LEU A 194 2.26 -7.99 34.65
CA LEU A 194 0.95 -8.59 34.54
C LEU A 194 0.61 -9.37 35.80
N GLY A 195 1.65 -10.00 36.38
CA GLY A 195 1.44 -10.78 37.59
C GLY A 195 1.05 -9.87 38.75
N CYS A 196 1.71 -8.71 38.83
CA CYS A 196 1.42 -7.76 39.87
C CYS A 196 0.01 -7.21 39.71
N ILE A 197 -0.42 -7.06 38.45
CA ILE A 197 -1.75 -6.53 38.17
C ILE A 197 -2.81 -7.56 38.52
N PHE A 198 -2.53 -8.82 38.18
CA PHE A 198 -3.42 -9.94 38.48
C PHE A 198 -3.69 -9.99 39.99
N ALA A 199 -2.62 -9.94 40.78
CA ALA A 199 -2.74 -9.98 42.24
C ALA A 199 -3.51 -8.76 42.77
N GLU A 200 -3.23 -7.58 42.23
CA GLU A 200 -3.91 -6.35 42.65
C GLU A 200 -5.44 -6.42 42.43
N MET A 201 -5.85 -6.99 41.30
CA MET A 201 -7.28 -7.13 40.98
C MET A 201 -7.94 -8.05 42.01
N VAL A 202 -7.26 -9.17 42.30
CA VAL A 202 -7.76 -10.15 43.21
C VAL A 202 -7.91 -9.67 44.66
N THR A 203 -6.89 -8.98 45.17
CA THR A 203 -6.87 -8.55 46.55
C THR A 203 -7.38 -7.15 46.83
N ARG A 204 -7.41 -6.31 45.80
CA ARG A 204 -7.85 -4.92 45.90
C ARG A 204 -6.74 -4.01 46.45
N ARG A 205 -5.51 -4.53 46.51
CA ARG A 205 -4.37 -3.75 46.97
C ARG A 205 -3.15 -4.06 46.11
N ALA A 206 -2.29 -3.06 45.89
CA ALA A 206 -1.08 -3.24 45.11
C ALA A 206 -0.24 -4.33 45.81
N LEU A 207 0.37 -5.21 45.02
CA LEU A 207 1.14 -6.30 45.61
C LEU A 207 2.48 -5.87 46.20
N PHE A 208 3.19 -4.97 45.52
CA PHE A 208 4.48 -4.50 45.98
C PHE A 208 4.54 -2.97 45.84
N PRO A 209 3.95 -2.24 46.78
CA PRO A 209 3.94 -0.78 46.72
C PRO A 209 5.17 -0.11 47.33
N GLY A 210 6.30 -0.16 46.62
CA GLY A 210 7.53 0.44 47.11
C GLY A 210 7.59 1.96 47.10
N ASP A 211 8.32 2.52 48.05
CA ASP A 211 8.50 3.97 48.16
C ASP A 211 9.73 4.41 47.38
N SER A 212 10.63 3.46 47.16
CA SER A 212 11.88 3.72 46.45
C SER A 212 12.34 2.41 45.86
N GLU A 213 13.44 2.47 45.10
CA GLU A 213 13.96 1.27 44.48
C GLU A 213 14.29 0.21 45.52
N ILE A 214 15.02 0.59 46.57
CA ILE A 214 15.41 -0.36 47.60
C ILE A 214 14.20 -0.91 48.34
N ASP A 215 13.23 -0.04 48.65
CA ASP A 215 12.03 -0.47 49.35
C ASP A 215 11.20 -1.42 48.46
N GLN A 216 11.23 -1.19 47.14
CA GLN A 216 10.52 -2.02 46.19
C GLN A 216 11.09 -3.44 46.23
N LEU A 217 12.41 -3.54 46.21
CA LEU A 217 13.09 -4.84 46.28
C LEU A 217 12.77 -5.57 47.56
N PHE A 218 12.83 -4.85 48.67
CA PHE A 218 12.57 -5.45 49.98
C PHE A 218 11.13 -5.94 50.12
N ARG A 219 10.18 -5.19 49.57
CA ARG A 219 8.80 -5.64 49.63
C ARG A 219 8.67 -6.92 48.81
N ILE A 220 9.36 -6.97 47.67
CA ILE A 220 9.31 -8.19 46.86
C ILE A 220 9.97 -9.31 47.67
N PHE A 221 11.17 -9.06 48.18
CA PHE A 221 11.90 -10.05 48.97
C PHE A 221 11.08 -10.58 50.16
N ARG A 222 10.44 -9.65 50.85
CA ARG A 222 9.64 -10.00 52.01
C ARG A 222 8.48 -10.95 51.69
N THR A 223 7.90 -10.82 50.49
CA THR A 223 6.78 -11.69 50.09
C THR A 223 7.26 -12.97 49.43
N LEU A 224 8.19 -12.85 48.51
CA LEU A 224 8.67 -14.01 47.77
C LEU A 224 9.93 -14.65 48.31
N GLY A 225 10.52 -14.04 49.34
CA GLY A 225 11.74 -14.57 49.91
C GLY A 225 12.92 -13.95 49.20
N THR A 226 14.01 -13.70 49.92
CA THR A 226 15.18 -13.12 49.28
C THR A 226 15.73 -14.23 48.42
N PRO A 227 15.97 -13.95 47.13
CA PRO A 227 16.50 -14.96 46.22
C PRO A 227 17.98 -15.28 46.45
N ASP A 228 18.34 -16.55 46.29
CA ASP A 228 19.73 -16.96 46.44
C ASP A 228 20.17 -17.58 45.12
N GLU A 229 21.43 -18.04 45.05
CA GLU A 229 21.95 -18.62 43.83
C GLU A 229 21.18 -19.85 43.36
N VAL A 230 20.58 -20.57 44.30
CA VAL A 230 19.82 -21.76 43.95
C VAL A 230 18.53 -21.40 43.24
N VAL A 231 17.86 -20.37 43.74
CA VAL A 231 16.60 -19.89 43.18
C VAL A 231 16.83 -19.11 41.89
N TRP A 232 17.87 -18.29 41.89
CA TRP A 232 18.18 -17.45 40.75
C TRP A 232 19.67 -17.40 40.46
N PRO A 233 20.18 -18.40 39.72
CA PRO A 233 21.60 -18.48 39.38
C PRO A 233 22.09 -17.14 38.85
N GLY A 234 23.12 -16.60 39.49
CA GLY A 234 23.70 -15.33 39.07
C GLY A 234 23.22 -14.11 39.82
N VAL A 235 22.15 -14.26 40.60
CA VAL A 235 21.58 -13.13 41.31
C VAL A 235 22.56 -12.37 42.22
N THR A 236 23.39 -13.10 42.95
CA THR A 236 24.35 -12.47 43.86
C THR A 236 25.46 -11.74 43.10
N SER A 237 25.53 -11.91 41.78
CA SER A 237 26.54 -11.26 40.97
C SER A 237 25.99 -10.01 40.27
N MET A 238 24.69 -9.80 40.37
CA MET A 238 24.09 -8.65 39.70
C MET A 238 24.60 -7.32 40.25
N PRO A 239 24.75 -6.33 39.36
CA PRO A 239 25.24 -4.99 39.68
C PRO A 239 24.71 -4.32 40.95
N ASP A 240 23.42 -4.45 41.23
CA ASP A 240 22.87 -3.80 42.40
C ASP A 240 22.54 -4.73 43.55
N TYR A 241 23.01 -5.97 43.46
CA TYR A 241 22.78 -6.91 44.54
C TYR A 241 23.76 -6.57 45.65
N LYS A 242 23.33 -6.72 46.90
CA LYS A 242 24.21 -6.45 48.02
C LYS A 242 24.19 -7.64 48.96
N PRO A 243 25.38 -8.13 49.34
CA PRO A 243 25.45 -9.28 50.25
C PRO A 243 24.81 -8.94 51.59
N SER A 244 24.65 -7.65 51.85
CA SER A 244 24.02 -7.18 53.08
C SER A 244 22.49 -7.23 53.04
N PHE A 245 21.90 -7.69 51.94
CA PHE A 245 20.44 -7.78 51.83
C PHE A 245 19.89 -8.72 52.88
N PRO A 246 18.79 -8.33 53.55
CA PRO A 246 18.18 -9.19 54.58
C PRO A 246 17.73 -10.50 53.94
N LYS A 247 17.79 -11.60 54.68
CA LYS A 247 17.37 -12.90 54.15
C LYS A 247 15.96 -13.26 54.63
N TRP A 248 14.95 -12.89 53.86
CA TRP A 248 13.57 -13.18 54.22
C TRP A 248 13.11 -14.50 53.64
N ALA A 249 12.23 -15.18 54.36
CA ALA A 249 11.69 -16.45 53.90
C ALA A 249 10.43 -16.15 53.08
N ARG A 250 10.12 -17.05 52.15
CA ARG A 250 8.96 -16.92 51.28
C ARG A 250 7.64 -17.08 52.03
N GLN A 251 6.78 -16.06 51.98
CA GLN A 251 5.48 -16.14 52.66
C GLN A 251 4.63 -17.19 51.93
N ASP A 252 3.68 -17.77 52.64
CA ASP A 252 2.78 -18.76 52.06
C ASP A 252 1.88 -18.02 51.06
N PHE A 253 1.85 -18.49 49.82
CA PHE A 253 1.07 -17.83 48.79
C PHE A 253 -0.42 -17.71 49.04
N SER A 254 -0.99 -18.67 49.76
CA SER A 254 -2.42 -18.63 50.02
C SER A 254 -2.76 -17.48 50.98
N LYS A 255 -1.73 -16.87 51.58
CA LYS A 255 -1.92 -15.75 52.48
C LYS A 255 -1.65 -14.44 51.76
N VAL A 256 -0.99 -14.53 50.61
CA VAL A 256 -0.68 -13.37 49.78
C VAL A 256 -1.88 -13.04 48.90
N VAL A 257 -2.46 -14.05 48.28
CA VAL A 257 -3.64 -13.89 47.43
C VAL A 257 -4.71 -14.88 47.91
N PRO A 258 -5.24 -14.64 49.12
CA PRO A 258 -6.26 -15.46 49.80
C PRO A 258 -7.48 -15.94 49.00
N PRO A 259 -8.06 -15.07 48.17
CA PRO A 259 -9.24 -15.56 47.42
C PRO A 259 -8.97 -16.52 46.27
N LEU A 260 -7.71 -16.66 45.88
CA LEU A 260 -7.34 -17.52 44.78
C LEU A 260 -7.30 -19.01 45.12
N ASP A 261 -7.64 -19.82 44.13
CA ASP A 261 -7.65 -21.27 44.24
C ASP A 261 -6.26 -21.80 43.87
N GLU A 262 -6.11 -23.12 43.86
CA GLU A 262 -4.85 -23.77 43.53
C GLU A 262 -4.30 -23.33 42.16
N ASP A 263 -5.15 -23.38 41.14
CA ASP A 263 -4.77 -22.98 39.79
C ASP A 263 -4.30 -21.52 39.72
N GLY A 264 -5.04 -20.64 40.38
CA GLY A 264 -4.69 -19.23 40.39
C GLY A 264 -3.34 -19.01 41.03
N ARG A 265 -3.13 -19.61 42.20
CA ARG A 265 -1.88 -19.48 42.92
C ARG A 265 -0.73 -20.01 42.07
N SER A 266 -0.96 -21.15 41.43
CA SER A 266 0.05 -21.76 40.56
C SER A 266 0.45 -20.79 39.44
N LEU A 267 -0.55 -20.28 38.73
CA LEU A 267 -0.30 -19.35 37.64
C LEU A 267 0.44 -18.08 38.10
N LEU A 268 -0.03 -17.49 39.19
CA LEU A 268 0.60 -16.28 39.69
C LEU A 268 2.06 -16.53 40.10
N SER A 269 2.32 -17.63 40.81
CA SER A 269 3.68 -17.91 41.22
C SER A 269 4.60 -18.09 40.01
N GLN A 270 4.08 -18.65 38.94
CA GLN A 270 4.91 -18.83 37.76
C GLN A 270 5.16 -17.49 37.05
N MET A 271 4.25 -16.53 37.23
CA MET A 271 4.43 -15.21 36.61
C MET A 271 5.39 -14.39 37.45
N LEU A 272 5.59 -14.81 38.69
CA LEU A 272 6.48 -14.09 39.61
C LEU A 272 7.77 -14.85 39.94
N HIS A 273 8.15 -15.76 39.06
CA HIS A 273 9.38 -16.52 39.25
C HIS A 273 10.52 -15.49 39.20
N TYR A 274 11.48 -15.61 40.12
CA TYR A 274 12.59 -14.67 40.16
C TYR A 274 13.47 -14.72 38.91
N ASP A 275 13.85 -15.92 38.52
CA ASP A 275 14.70 -16.12 37.36
C ASP A 275 13.93 -15.76 36.08
N PRO A 276 14.29 -14.65 35.41
CA PRO A 276 13.56 -14.31 34.18
C PRO A 276 13.51 -15.43 33.14
N ASN A 277 14.56 -16.24 33.07
CA ASN A 277 14.58 -17.36 32.12
C ASN A 277 13.55 -18.39 32.51
N LYS A 278 13.20 -18.42 33.79
CA LYS A 278 12.23 -19.39 34.26
C LYS A 278 10.80 -18.86 34.35
N ARG A 279 10.64 -17.55 34.33
CA ARG A 279 9.31 -16.95 34.40
C ARG A 279 8.47 -17.40 33.20
N ILE A 280 7.26 -17.83 33.48
CA ILE A 280 6.36 -18.31 32.44
C ILE A 280 6.16 -17.26 31.34
N SER A 281 5.99 -17.74 30.12
CA SER A 281 5.76 -16.86 28.98
C SER A 281 4.26 -16.62 28.87
N ALA A 282 3.86 -15.59 28.15
CA ALA A 282 2.44 -15.32 27.97
C ALA A 282 1.82 -16.51 27.24
N LYS A 283 2.55 -17.00 26.23
CA LYS A 283 2.10 -18.13 25.42
C LYS A 283 1.74 -19.32 26.29
N ALA A 284 2.68 -19.71 27.16
CA ALA A 284 2.45 -20.85 28.05
C ALA A 284 1.39 -20.56 29.12
N ALA A 285 1.32 -19.32 29.58
CA ALA A 285 0.34 -18.94 30.61
C ALA A 285 -1.07 -19.20 30.09
N LEU A 286 -1.28 -18.93 28.80
CA LEU A 286 -2.58 -19.15 28.17
C LEU A 286 -3.04 -20.61 28.17
N ALA A 287 -2.09 -21.53 28.35
CA ALA A 287 -2.44 -22.94 28.34
C ALA A 287 -2.70 -23.44 29.76
N HIS A 288 -2.43 -22.60 30.76
CA HIS A 288 -2.60 -22.96 32.15
C HIS A 288 -4.05 -23.31 32.46
N PRO A 289 -4.27 -24.34 33.29
CA PRO A 289 -5.62 -24.78 33.64
C PRO A 289 -6.49 -23.72 34.33
N PHE A 290 -5.88 -22.66 34.86
CA PHE A 290 -6.64 -21.59 35.49
C PHE A 290 -7.65 -21.04 34.49
N PHE A 291 -7.27 -21.03 33.22
CA PHE A 291 -8.14 -20.52 32.17
C PHE A 291 -9.06 -21.58 31.58
N GLN A 292 -9.14 -22.71 32.26
CA GLN A 292 -9.97 -23.83 31.82
C GLN A 292 -11.39 -23.37 31.45
N ASP A 293 -12.03 -22.62 32.34
CA ASP A 293 -13.40 -22.17 32.15
C ASP A 293 -13.60 -20.68 31.88
N VAL A 294 -12.61 -20.02 31.30
CA VAL A 294 -12.74 -18.58 31.06
C VAL A 294 -13.95 -18.20 30.21
N THR A 295 -14.60 -17.10 30.60
CA THR A 295 -15.77 -16.59 29.89
C THR A 295 -15.52 -15.10 29.68
N LYS A 296 -16.47 -14.41 29.05
CA LYS A 296 -16.32 -12.98 28.81
C LYS A 296 -17.45 -12.15 29.44
N PRO A 297 -17.39 -11.93 30.76
CA PRO A 297 -18.40 -11.16 31.49
C PRO A 297 -18.27 -9.68 31.11
N VAL A 298 -19.30 -8.88 31.38
CA VAL A 298 -19.24 -7.45 31.07
C VAL A 298 -19.06 -6.72 32.40
N PRO A 299 -18.21 -5.70 32.44
CA PRO A 299 -17.97 -4.96 33.68
C PRO A 299 -19.10 -4.01 34.08
N HIS A 300 -19.07 -3.59 35.34
CA HIS A 300 -20.03 -2.60 35.81
C HIS A 300 -19.28 -1.29 35.63
N LEU A 301 -19.48 -0.62 34.49
CA LEU A 301 -18.75 0.62 34.31
C LEU A 301 -19.57 1.80 34.79
N ARG A 302 -19.16 2.33 35.93
CA ARG A 302 -19.80 3.48 36.55
C ARG A 302 -19.25 4.65 35.75
N LEU A 303 -20.10 5.32 34.98
CA LEU A 303 -19.61 6.44 34.18
C LEU A 303 -20.53 7.66 34.28
N VAL B 8 17.69 -20.53 24.82
CA VAL B 8 16.84 -20.27 23.62
C VAL B 8 15.46 -19.75 24.04
N PRO B 9 15.18 -18.45 23.76
CA PRO B 9 13.91 -17.80 24.09
C PRO B 9 12.67 -18.62 23.73
N ASP B 10 11.51 -18.21 24.25
CA ASP B 10 10.26 -18.94 24.01
C ASP B 10 9.56 -18.54 22.69
N TYR B 11 9.84 -17.33 22.20
CA TYR B 11 9.22 -16.81 20.97
C TYR B 11 10.22 -16.76 19.82
N HIS B 12 11.38 -17.37 20.05
CA HIS B 12 12.47 -17.42 19.09
C HIS B 12 12.00 -17.76 17.67
N GLU B 13 11.34 -18.90 17.51
CA GLU B 13 10.86 -19.33 16.22
C GLU B 13 9.79 -18.40 15.63
N ASP B 14 8.88 -17.94 16.48
CA ASP B 14 7.82 -17.05 16.01
C ASP B 14 8.42 -15.77 15.45
N ILE B 15 9.35 -15.20 16.19
CA ILE B 15 10.00 -13.96 15.78
C ILE B 15 10.78 -14.16 14.48
N HIS B 16 11.39 -15.33 14.34
CA HIS B 16 12.14 -15.61 13.14
C HIS B 16 11.17 -15.69 11.97
N THR B 17 10.16 -16.52 12.10
CA THR B 17 9.17 -16.67 11.06
C THR B 17 8.61 -15.33 10.65
N TYR B 18 8.41 -14.47 11.64
CA TYR B 18 7.87 -13.14 11.39
C TYR B 18 8.88 -12.22 10.71
N LEU B 19 10.13 -12.25 11.15
CA LEU B 19 11.14 -11.40 10.53
C LEU B 19 11.33 -11.81 9.07
N ARG B 20 11.21 -13.10 8.79
CA ARG B 20 11.33 -13.59 7.41
C ARG B 20 10.16 -13.02 6.59
N GLU B 21 9.01 -12.82 7.23
CA GLU B 21 7.86 -12.27 6.54
C GLU B 21 8.04 -10.80 6.24
N MET B 22 8.50 -10.05 7.23
CA MET B 22 8.68 -8.62 7.06
C MET B 22 9.81 -8.22 6.11
N GLU B 23 10.90 -8.97 6.09
CA GLU B 23 12.01 -8.63 5.22
C GLU B 23 11.62 -8.65 3.74
N VAL B 24 10.62 -9.44 3.40
CA VAL B 24 10.15 -9.53 2.04
C VAL B 24 9.29 -8.30 1.69
N LYS B 25 8.76 -7.62 2.71
CA LYS B 25 7.94 -6.44 2.51
C LYS B 25 8.74 -5.15 2.51
N CYS B 26 9.74 -5.07 3.38
CA CYS B 26 10.61 -3.89 3.48
C CYS B 26 11.76 -4.00 2.48
N LYS B 27 11.56 -4.81 1.45
CA LYS B 27 12.57 -5.02 0.41
C LYS B 27 12.52 -3.93 -0.66
N PRO B 28 13.61 -3.20 -0.85
CA PRO B 28 13.63 -2.14 -1.87
C PRO B 28 13.75 -2.70 -3.28
N LYS B 29 13.51 -1.86 -4.29
CA LYS B 29 13.60 -2.29 -5.69
C LYS B 29 15.06 -2.47 -6.09
N VAL B 30 15.42 -3.71 -6.41
CA VAL B 30 16.79 -4.05 -6.78
C VAL B 30 17.43 -3.12 -7.81
N GLY B 31 16.69 -2.78 -8.87
CA GLY B 31 17.25 -1.92 -9.90
C GLY B 31 16.84 -0.47 -9.87
N TYR B 32 16.68 0.09 -8.68
CA TYR B 32 16.28 1.49 -8.56
C TYR B 32 17.37 2.48 -8.96
N MET B 33 18.63 2.07 -8.86
CA MET B 33 19.72 2.98 -9.17
C MET B 33 19.81 3.35 -10.66
N LYS B 34 19.49 2.42 -11.55
CA LYS B 34 19.53 2.71 -12.96
C LYS B 34 18.44 3.72 -13.30
N LYS B 35 17.36 3.66 -12.51
CA LYS B 35 16.22 4.56 -12.71
C LYS B 35 16.42 5.92 -12.04
N GLN B 36 17.55 6.09 -11.36
CA GLN B 36 17.87 7.37 -10.74
C GLN B 36 18.66 8.09 -11.80
N PRO B 37 18.33 9.36 -12.07
CA PRO B 37 19.05 10.11 -13.10
C PRO B 37 20.31 10.84 -12.67
N ASP B 38 20.53 10.98 -11.37
CA ASP B 38 21.70 11.73 -10.92
C ASP B 38 22.63 11.07 -9.90
N ILE B 39 22.21 9.97 -9.29
CA ILE B 39 23.07 9.32 -8.31
C ILE B 39 23.46 7.92 -8.75
N THR B 40 24.56 7.42 -8.18
CA THR B 40 25.08 6.11 -8.54
C THR B 40 25.43 5.22 -7.35
N ASN B 41 25.74 3.97 -7.63
CA ASN B 41 26.14 3.02 -6.59
C ASN B 41 27.32 3.62 -5.86
N SER B 42 28.26 4.13 -6.64
CA SER B 42 29.46 4.76 -6.11
C SER B 42 29.13 5.88 -5.13
N MET B 43 28.18 6.73 -5.49
CA MET B 43 27.80 7.83 -4.60
C MET B 43 27.15 7.27 -3.33
N ARG B 44 26.41 6.17 -3.49
CA ARG B 44 25.75 5.53 -2.36
C ARG B 44 26.82 4.94 -1.43
N ALA B 45 27.81 4.27 -2.02
CA ALA B 45 28.89 3.67 -1.26
C ALA B 45 29.59 4.75 -0.43
N ILE B 46 29.83 5.89 -1.06
CA ILE B 46 30.47 7.00 -0.36
C ILE B 46 29.60 7.49 0.78
N LEU B 47 28.28 7.39 0.60
CA LEU B 47 27.31 7.82 1.61
C LEU B 47 27.31 6.88 2.80
N VAL B 48 27.13 5.59 2.55
CA VAL B 48 27.09 4.62 3.63
C VAL B 48 28.41 4.65 4.39
N ASP B 49 29.52 4.61 3.67
CA ASP B 49 30.83 4.63 4.31
C ASP B 49 30.88 5.81 5.26
N TRP B 50 30.35 6.94 4.83
CA TRP B 50 30.33 8.14 5.66
C TRP B 50 29.49 7.89 6.92
N LEU B 51 28.33 7.26 6.74
CA LEU B 51 27.43 6.99 7.87
C LEU B 51 28.10 6.07 8.89
N VAL B 52 28.97 5.19 8.40
CA VAL B 52 29.69 4.28 9.29
C VAL B 52 30.56 5.13 10.23
N GLU B 53 31.20 6.15 9.68
CA GLU B 53 32.05 7.03 10.47
C GLU B 53 31.23 7.82 11.47
N VAL B 54 30.10 8.34 11.01
CA VAL B 54 29.21 9.10 11.87
C VAL B 54 28.78 8.21 13.04
N GLY B 55 28.49 6.96 12.72
CA GLY B 55 28.10 6.00 13.74
C GLY B 55 29.20 5.80 14.75
N GLU B 56 30.45 5.82 14.29
CA GLU B 56 31.60 5.66 15.17
C GLU B 56 31.82 6.93 15.99
N GLU B 57 31.59 8.07 15.35
CA GLU B 57 31.76 9.36 16.01
C GLU B 57 30.81 9.53 17.19
N TYR B 58 29.57 9.08 17.05
CA TYR B 58 28.63 9.23 18.14
C TYR B 58 28.38 7.94 18.93
N LYS B 59 29.23 6.95 18.68
CA LYS B 59 29.12 5.67 19.37
C LYS B 59 27.71 5.17 19.29
N LEU B 60 27.24 4.92 18.07
CA LEU B 60 25.90 4.43 17.84
C LEU B 60 25.96 2.92 17.65
N GLN B 61 24.84 2.26 17.86
CA GLN B 61 24.73 0.81 17.71
C GLN B 61 24.85 0.45 16.23
N ASN B 62 25.28 -0.76 15.94
CA ASN B 62 25.40 -1.18 14.55
C ASN B 62 24.01 -1.29 13.92
N GLU B 63 23.02 -1.68 14.72
CA GLU B 63 21.65 -1.80 14.23
C GLU B 63 21.22 -0.46 13.61
N THR B 64 21.58 0.63 14.27
CA THR B 64 21.23 1.97 13.79
C THR B 64 21.76 2.16 12.37
N LEU B 65 23.03 1.83 12.15
CA LEU B 65 23.62 1.97 10.82
C LEU B 65 22.79 1.16 9.81
N HIS B 66 22.47 -0.08 10.16
CA HIS B 66 21.69 -0.95 9.29
C HIS B 66 20.28 -0.42 9.01
N LEU B 67 19.63 0.13 10.02
CA LEU B 67 18.29 0.65 9.84
C LEU B 67 18.32 1.84 8.90
N ALA B 68 19.29 2.72 9.09
CA ALA B 68 19.42 3.90 8.26
C ALA B 68 19.64 3.54 6.78
N VAL B 69 20.40 2.48 6.53
CA VAL B 69 20.67 2.05 5.16
C VAL B 69 19.39 1.52 4.54
N ASN B 70 18.65 0.72 5.30
CA ASN B 70 17.38 0.18 4.82
C ASN B 70 16.44 1.31 4.44
N TYR B 71 16.40 2.37 5.25
CA TYR B 71 15.53 3.50 4.99
C TYR B 71 15.92 4.19 3.69
N ILE B 72 17.21 4.49 3.56
CA ILE B 72 17.77 5.14 2.37
C ILE B 72 17.47 4.38 1.08
N ASP B 73 17.63 3.07 1.07
CA ASP B 73 17.36 2.31 -0.15
C ASP B 73 15.87 2.29 -0.47
N ARG B 74 15.04 2.23 0.56
CA ARG B 74 13.60 2.23 0.34
C ARG B 74 13.19 3.61 -0.18
N PHE B 75 13.74 4.66 0.41
CA PHE B 75 13.42 6.00 -0.01
C PHE B 75 13.84 6.23 -1.47
N LEU B 76 15.07 5.86 -1.81
CA LEU B 76 15.54 6.05 -3.17
C LEU B 76 14.84 5.14 -4.17
N SER B 77 14.15 4.12 -3.69
CA SER B 77 13.42 3.22 -4.57
C SER B 77 12.20 3.89 -5.20
N SER B 78 11.76 5.01 -4.64
CA SER B 78 10.59 5.70 -5.13
C SER B 78 10.75 7.21 -5.32
N MET B 79 11.84 7.76 -4.80
CA MET B 79 12.09 9.20 -4.92
C MET B 79 13.38 9.54 -5.65
N SER B 80 13.26 10.26 -6.76
CA SER B 80 14.44 10.68 -7.49
C SER B 80 15.13 11.72 -6.62
N VAL B 81 16.45 11.61 -6.50
CA VAL B 81 17.20 12.54 -5.68
C VAL B 81 18.46 12.99 -6.42
N LEU B 82 18.84 14.25 -6.24
CA LEU B 82 20.02 14.80 -6.90
C LEU B 82 21.25 14.67 -6.02
N ARG B 83 22.42 14.62 -6.64
CA ARG B 83 23.70 14.53 -5.94
C ARG B 83 23.66 15.33 -4.64
N GLY B 84 23.47 16.64 -4.82
CA GLY B 84 23.44 17.56 -3.70
C GLY B 84 22.45 17.35 -2.58
N LYS B 85 21.53 16.40 -2.73
CA LYS B 85 20.55 16.15 -1.67
C LYS B 85 20.69 14.75 -1.07
N LEU B 86 21.49 13.91 -1.71
CA LEU B 86 21.70 12.54 -1.26
C LEU B 86 22.17 12.44 0.19
N GLN B 87 23.03 13.37 0.61
CA GLN B 87 23.53 13.34 1.97
C GLN B 87 22.43 13.78 2.95
N LEU B 88 21.57 14.69 2.50
CA LEU B 88 20.47 15.17 3.34
C LEU B 88 19.54 14.00 3.68
N VAL B 89 19.24 13.19 2.67
CA VAL B 89 18.39 12.02 2.88
C VAL B 89 19.09 11.10 3.88
N GLY B 90 20.37 10.82 3.64
CA GLY B 90 21.15 9.97 4.50
C GLY B 90 21.20 10.47 5.94
N THR B 91 21.31 11.77 6.09
CA THR B 91 21.35 12.37 7.42
C THR B 91 20.01 12.15 8.12
N ALA B 92 18.92 12.43 7.40
CA ALA B 92 17.58 12.25 7.96
C ALA B 92 17.35 10.78 8.30
N ALA B 93 17.83 9.90 7.42
CA ALA B 93 17.67 8.47 7.65
C ALA B 93 18.38 8.09 8.95
N MET B 94 19.64 8.50 9.08
CA MET B 94 20.42 8.20 10.27
C MET B 94 19.75 8.77 11.53
N LEU B 95 19.20 9.97 11.42
CA LEU B 95 18.50 10.62 12.53
C LEU B 95 17.28 9.79 12.97
N LEU B 96 16.50 9.34 11.99
CA LEU B 96 15.31 8.55 12.27
C LEU B 96 15.73 7.21 12.88
N ALA B 97 16.75 6.61 12.29
CA ALA B 97 17.25 5.33 12.78
C ALA B 97 17.74 5.46 14.23
N SER B 98 18.40 6.57 14.54
CA SER B 98 18.88 6.81 15.89
C SER B 98 17.70 6.96 16.85
N LYS B 99 16.67 7.68 16.41
CA LYS B 99 15.49 7.87 17.24
C LYS B 99 14.78 6.54 17.50
N PHE B 100 14.82 5.63 16.54
CA PHE B 100 14.14 4.35 16.70
C PHE B 100 14.92 3.33 17.54
N GLU B 101 16.21 3.23 17.27
CA GLU B 101 17.05 2.24 17.92
C GLU B 101 17.84 2.65 19.17
N GLU B 102 18.42 3.84 19.14
CA GLU B 102 19.22 4.31 20.26
C GLU B 102 18.42 4.61 21.51
N ILE B 103 19.06 4.41 22.66
CA ILE B 103 18.45 4.68 23.94
C ILE B 103 18.23 6.19 24.05
N TYR B 104 19.28 6.93 23.72
CA TYR B 104 19.27 8.37 23.78
C TYR B 104 19.94 8.86 22.49
N PRO B 105 19.13 9.24 21.48
CA PRO B 105 19.65 9.72 20.20
C PRO B 105 20.35 11.07 20.27
N PRO B 106 21.26 11.33 19.33
CA PRO B 106 21.98 12.61 19.31
C PRO B 106 20.97 13.70 18.97
N GLU B 107 21.25 14.93 19.36
CA GLU B 107 20.36 16.03 19.05
C GLU B 107 20.54 16.42 17.58
N VAL B 108 19.49 16.95 16.97
CA VAL B 108 19.52 17.35 15.57
C VAL B 108 20.71 18.23 15.22
N ALA B 109 21.06 19.17 16.11
CA ALA B 109 22.19 20.06 15.86
C ALA B 109 23.44 19.28 15.50
N GLU B 110 23.61 18.11 16.14
CA GLU B 110 24.75 17.24 15.90
C GLU B 110 24.71 16.69 14.48
N PHE B 111 23.51 16.35 14.02
CA PHE B 111 23.35 15.81 12.67
C PHE B 111 23.55 16.92 11.64
N VAL B 112 23.28 18.16 12.05
CA VAL B 112 23.48 19.30 11.15
C VAL B 112 24.97 19.61 11.16
N TYR B 113 25.60 19.36 12.30
CA TYR B 113 27.03 19.60 12.45
C TYR B 113 27.86 18.68 11.56
N ILE B 114 27.56 17.38 11.63
CA ILE B 114 28.30 16.38 10.84
C ILE B 114 28.15 16.50 9.33
N THR B 115 27.44 17.53 8.88
CA THR B 115 27.25 17.73 7.44
C THR B 115 28.07 18.95 7.01
N ASP B 116 28.75 19.57 7.96
CA ASP B 116 29.57 20.76 7.71
C ASP B 116 28.72 21.92 7.22
N ASP B 117 27.59 22.15 7.91
CA ASP B 117 26.65 23.21 7.59
C ASP B 117 26.22 23.22 6.12
N THR B 118 26.21 22.04 5.51
CA THR B 118 25.78 21.90 4.12
C THR B 118 24.28 22.10 4.09
N TYR B 119 23.61 21.62 5.14
CA TYR B 119 22.16 21.72 5.26
C TYR B 119 21.83 22.41 6.58
N THR B 120 20.66 23.05 6.64
CA THR B 120 20.25 23.73 7.86
C THR B 120 19.46 22.79 8.75
N LYS B 121 19.22 23.21 9.99
CA LYS B 121 18.45 22.40 10.92
C LYS B 121 17.07 22.24 10.30
N LYS B 122 16.61 23.31 9.67
CA LYS B 122 15.30 23.34 9.02
C LYS B 122 15.20 22.26 7.95
N GLN B 123 16.18 22.21 7.06
CA GLN B 123 16.21 21.22 5.99
C GLN B 123 16.28 19.79 6.53
N VAL B 124 16.99 19.59 7.63
CA VAL B 124 17.11 18.25 8.18
C VAL B 124 15.75 17.79 8.70
N LEU B 125 15.07 18.65 9.43
CA LEU B 125 13.77 18.28 9.97
C LEU B 125 12.72 18.07 8.87
N ARG B 126 12.76 18.88 7.81
CA ARG B 126 11.79 18.71 6.73
C ARG B 126 12.04 17.38 6.02
N MET B 127 13.32 17.01 5.87
CA MET B 127 13.66 15.76 5.21
C MET B 127 13.20 14.58 6.10
N GLU B 128 13.25 14.78 7.41
CA GLU B 128 12.81 13.72 8.32
C GLU B 128 11.34 13.45 8.07
N HIS B 129 10.58 14.53 7.94
CA HIS B 129 9.15 14.47 7.69
C HIS B 129 8.90 13.75 6.36
N LEU B 130 9.56 14.20 5.30
CA LEU B 130 9.39 13.59 3.99
C LEU B 130 9.72 12.09 4.00
N VAL B 131 10.82 11.73 4.65
CA VAL B 131 11.23 10.31 4.73
C VAL B 131 10.18 9.48 5.46
N LEU B 132 9.64 10.01 6.55
CA LEU B 132 8.59 9.31 7.31
C LEU B 132 7.36 9.12 6.43
N LYS B 133 7.01 10.15 5.67
CA LYS B 133 5.84 10.07 4.78
C LYS B 133 6.07 8.99 3.74
N VAL B 134 7.21 9.08 3.06
CA VAL B 134 7.54 8.12 2.01
C VAL B 134 7.65 6.70 2.53
N LEU B 135 8.06 6.53 3.78
CA LEU B 135 8.17 5.18 4.33
C LEU B 135 6.93 4.79 5.13
N THR B 136 5.96 5.70 5.18
CA THR B 136 4.70 5.51 5.90
C THR B 136 4.95 5.05 7.34
N PHE B 137 5.89 5.71 8.00
CA PHE B 137 6.25 5.43 9.38
C PHE B 137 6.59 3.96 9.66
N ASP B 138 6.91 3.19 8.63
CA ASP B 138 7.28 1.79 8.86
C ASP B 138 8.79 1.73 9.03
N LEU B 139 9.25 1.92 10.27
CA LEU B 139 10.68 1.94 10.54
C LEU B 139 11.27 0.69 11.17
N ALA B 140 10.43 -0.21 11.66
CA ALA B 140 10.91 -1.43 12.30
C ALA B 140 11.26 -2.51 11.29
N ALA B 141 12.23 -2.21 10.42
CA ALA B 141 12.66 -3.15 9.39
C ALA B 141 13.65 -4.20 9.87
N PRO B 142 13.62 -5.40 9.26
CA PRO B 142 14.51 -6.52 9.60
C PRO B 142 15.88 -6.23 8.99
N THR B 143 16.94 -6.55 9.72
CA THR B 143 18.29 -6.30 9.22
C THR B 143 19.14 -7.56 9.25
N VAL B 144 20.31 -7.48 8.63
CA VAL B 144 21.25 -8.59 8.61
C VAL B 144 21.62 -8.77 10.08
N ASN B 145 21.81 -7.63 10.74
CA ASN B 145 22.17 -7.57 12.15
C ASN B 145 21.18 -8.41 12.99
N GLN B 146 19.89 -8.21 12.77
CA GLN B 146 18.88 -8.97 13.50
C GLN B 146 18.96 -10.46 13.24
N PHE B 147 19.07 -10.84 11.97
CA PHE B 147 19.16 -12.24 11.63
C PHE B 147 20.42 -12.90 12.19
N LEU B 148 21.55 -12.18 12.16
CA LEU B 148 22.79 -12.73 12.71
C LEU B 148 22.57 -13.02 14.19
N THR B 149 21.91 -12.09 14.87
CA THR B 149 21.62 -12.24 16.29
C THR B 149 20.83 -13.52 16.52
N GLN B 150 19.83 -13.75 15.68
CA GLN B 150 19.01 -14.95 15.77
C GLN B 150 19.87 -16.19 15.52
N TYR B 151 20.75 -16.11 14.52
CA TYR B 151 21.61 -17.23 14.18
C TYR B 151 22.60 -17.56 15.29
N PHE B 152 23.20 -16.53 15.88
CA PHE B 152 24.20 -16.71 16.91
C PHE B 152 23.80 -17.61 18.07
N LEU B 153 22.51 -17.78 18.30
CA LEU B 153 22.05 -18.61 19.40
C LEU B 153 22.08 -20.10 19.07
N HIS B 154 22.58 -20.43 17.88
CA HIS B 154 22.66 -21.82 17.45
C HIS B 154 24.12 -22.20 17.38
N GLN B 155 24.94 -21.38 18.02
CA GLN B 155 26.37 -21.58 18.07
C GLN B 155 26.70 -22.22 19.42
N GLN B 156 26.58 -23.53 19.52
CA GLN B 156 26.88 -24.24 20.77
C GLN B 156 28.19 -23.70 21.32
N PRO B 157 29.26 -23.70 20.49
CA PRO B 157 30.54 -23.18 20.97
C PRO B 157 30.55 -21.67 20.78
N ALA B 158 29.79 -20.96 21.61
CA ALA B 158 29.72 -19.49 21.52
C ALA B 158 31.11 -18.91 21.31
N ASN B 159 31.34 -18.37 20.12
CA ASN B 159 32.63 -17.80 19.75
C ASN B 159 32.49 -16.31 19.42
N CYS B 160 33.16 -15.47 20.19
CA CYS B 160 33.10 -14.04 19.99
C CYS B 160 33.78 -13.58 18.70
N LYS B 161 34.81 -14.30 18.27
CA LYS B 161 35.55 -13.95 17.06
C LYS B 161 34.62 -14.14 15.85
N VAL B 162 33.96 -15.29 15.82
CA VAL B 162 33.01 -15.61 14.76
C VAL B 162 31.96 -14.50 14.65
N GLU B 163 31.37 -14.13 15.79
CA GLU B 163 30.37 -13.07 15.78
C GLU B 163 30.91 -11.78 15.19
N SER B 164 32.04 -11.31 15.71
CA SER B 164 32.64 -10.07 15.21
C SER B 164 32.89 -10.12 13.71
N LEU B 165 33.45 -11.24 13.24
CA LEU B 165 33.75 -11.38 11.83
C LEU B 165 32.46 -11.39 11.02
N ALA B 166 31.46 -12.11 11.52
CA ALA B 166 30.15 -12.19 10.87
C ALA B 166 29.56 -10.79 10.75
N MET B 167 29.65 -10.02 11.83
CA MET B 167 29.17 -8.64 11.85
C MET B 167 29.92 -7.81 10.81
N PHE B 168 31.22 -8.06 10.71
CA PHE B 168 32.08 -7.34 9.77
C PHE B 168 31.67 -7.59 8.32
N LEU B 169 31.48 -8.86 8.00
CA LEU B 169 31.08 -9.26 6.66
C LEU B 169 29.70 -8.68 6.33
N GLY B 170 28.81 -8.67 7.33
CA GLY B 170 27.48 -8.15 7.12
C GLY B 170 27.50 -6.64 6.89
N GLU B 171 28.37 -5.96 7.61
CA GLU B 171 28.45 -4.52 7.46
C GLU B 171 29.03 -4.12 6.11
N LEU B 172 29.95 -4.94 5.57
CA LEU B 172 30.54 -4.63 4.28
C LEU B 172 29.48 -4.69 3.18
N SER B 173 28.58 -5.65 3.27
CA SER B 173 27.52 -5.81 2.27
C SER B 173 26.66 -4.55 2.11
N LEU B 174 26.63 -3.70 3.15
CA LEU B 174 25.85 -2.47 3.10
C LEU B 174 26.40 -1.46 2.10
N ILE B 175 27.72 -1.45 1.97
CA ILE B 175 28.41 -0.51 1.08
C ILE B 175 28.14 -0.68 -0.42
N ASP B 176 27.98 -1.91 -0.88
CA ASP B 176 27.79 -2.15 -2.32
C ASP B 176 26.41 -2.61 -2.79
N ALA B 177 25.61 -1.64 -3.23
CA ALA B 177 24.26 -1.89 -3.74
C ALA B 177 24.34 -3.05 -4.74
N ASP B 178 25.42 -3.06 -5.52
CA ASP B 178 25.64 -4.15 -6.46
C ASP B 178 26.74 -4.98 -5.80
N PRO B 179 26.48 -6.28 -5.56
CA PRO B 179 25.27 -7.07 -5.85
C PRO B 179 24.38 -7.35 -4.63
N TYR B 180 24.62 -6.70 -3.51
CA TYR B 180 23.85 -7.04 -2.33
C TYR B 180 22.37 -6.65 -2.26
N LEU B 181 21.98 -5.62 -3.00
CA LEU B 181 20.58 -5.21 -2.98
C LEU B 181 19.68 -6.37 -3.41
N LYS B 182 20.23 -7.28 -4.20
CA LYS B 182 19.43 -8.40 -4.67
C LYS B 182 19.39 -9.58 -3.71
N TYR B 183 19.80 -9.37 -2.47
CA TYR B 183 19.78 -10.45 -1.50
C TYR B 183 18.98 -10.06 -0.26
N LEU B 184 18.19 -11.00 0.26
CA LEU B 184 17.43 -10.76 1.47
C LEU B 184 18.38 -10.70 2.68
N PRO B 185 18.04 -9.89 3.68
CA PRO B 185 18.88 -9.76 4.88
C PRO B 185 19.18 -11.11 5.56
N SER B 186 18.23 -12.03 5.51
CA SER B 186 18.42 -13.33 6.13
C SER B 186 19.42 -14.21 5.37
N VAL B 187 19.60 -13.93 4.09
CA VAL B 187 20.53 -14.70 3.26
C VAL B 187 21.95 -14.15 3.40
N ILE B 188 22.07 -12.82 3.44
CA ILE B 188 23.35 -12.18 3.60
C ILE B 188 23.90 -12.60 4.96
N ALA B 189 22.99 -12.71 5.94
CA ALA B 189 23.39 -13.12 7.28
C ALA B 189 23.82 -14.59 7.28
N GLY B 190 23.12 -15.42 6.52
CA GLY B 190 23.49 -16.82 6.46
C GLY B 190 24.87 -16.99 5.83
N ALA B 191 25.15 -16.17 4.83
CA ALA B 191 26.44 -16.24 4.16
C ALA B 191 27.55 -15.73 5.09
N ALA B 192 27.30 -14.59 5.73
CA ALA B 192 28.29 -14.00 6.63
C ALA B 192 28.54 -14.91 7.82
N PHE B 193 27.51 -15.62 8.27
CA PHE B 193 27.69 -16.50 9.40
C PHE B 193 28.59 -17.67 9.03
N HIS B 194 28.29 -18.34 7.93
CA HIS B 194 29.08 -19.48 7.47
C HIS B 194 30.52 -19.09 7.18
N LEU B 195 30.70 -18.00 6.46
CA LEU B 195 32.03 -17.56 6.11
C LEU B 195 32.87 -17.29 7.35
N ALA B 196 32.31 -16.56 8.32
CA ALA B 196 33.02 -16.25 9.55
C ALA B 196 33.29 -17.52 10.37
N LEU B 197 32.30 -18.40 10.44
CA LEU B 197 32.45 -19.64 11.18
C LEU B 197 33.57 -20.49 10.56
N TYR B 198 33.53 -20.61 9.24
CA TYR B 198 34.51 -21.36 8.47
C TYR B 198 35.91 -20.79 8.65
N THR B 199 36.04 -19.49 8.44
CA THR B 199 37.33 -18.82 8.57
C THR B 199 37.94 -18.94 9.96
N VAL B 200 37.12 -18.78 11.00
CA VAL B 200 37.62 -18.84 12.36
C VAL B 200 37.73 -20.23 12.99
N THR B 201 36.85 -21.15 12.62
CA THR B 201 36.86 -22.47 13.21
C THR B 201 36.94 -23.62 12.21
N GLY B 202 36.77 -23.32 10.93
CA GLY B 202 36.82 -24.37 9.93
C GLY B 202 35.50 -25.12 9.87
N GLN B 203 34.54 -24.71 10.69
CA GLN B 203 33.22 -25.34 10.73
C GLN B 203 32.35 -24.75 9.63
N SER B 204 31.25 -25.43 9.31
CA SER B 204 30.33 -24.96 8.26
C SER B 204 28.91 -24.71 8.76
N TRP B 205 28.12 -24.05 7.92
CA TRP B 205 26.71 -23.73 8.20
C TRP B 205 26.08 -24.94 8.91
N PRO B 206 25.83 -24.80 10.22
CA PRO B 206 25.25 -25.82 11.10
C PRO B 206 23.89 -26.39 10.74
N GLU B 207 23.73 -27.68 11.02
CA GLU B 207 22.49 -28.40 10.75
C GLU B 207 21.28 -27.73 11.42
N SER B 208 21.47 -27.24 12.64
CA SER B 208 20.38 -26.60 13.35
C SER B 208 19.88 -25.36 12.61
N LEU B 209 20.77 -24.65 11.94
CA LEU B 209 20.38 -23.47 11.19
C LEU B 209 19.77 -23.83 9.85
N ILE B 210 20.09 -25.02 9.36
CA ILE B 210 19.53 -25.48 8.10
C ILE B 210 18.07 -25.79 8.37
N ARG B 211 17.80 -26.42 9.50
CA ARG B 211 16.44 -26.77 9.90
C ARG B 211 15.64 -25.51 10.24
N LYS B 212 16.30 -24.54 10.84
CA LYS B 212 15.66 -23.29 11.24
C LYS B 212 15.30 -22.36 10.08
N THR B 213 16.27 -22.09 9.22
CA THR B 213 16.08 -21.16 8.10
C THR B 213 15.59 -21.82 6.82
N GLY B 214 15.84 -23.12 6.70
CA GLY B 214 15.43 -23.82 5.49
C GLY B 214 16.46 -23.61 4.40
N TYR B 215 17.51 -22.84 4.70
CA TYR B 215 18.56 -22.57 3.74
C TYR B 215 19.66 -23.63 3.82
N THR B 216 20.03 -24.19 2.68
CA THR B 216 21.10 -25.18 2.65
C THR B 216 22.35 -24.41 2.23
N LEU B 217 23.50 -25.03 2.35
CA LEU B 217 24.73 -24.34 1.97
C LEU B 217 24.68 -24.08 0.47
N GLU B 218 23.99 -24.95 -0.25
CA GLU B 218 23.85 -24.80 -1.69
C GLU B 218 23.04 -23.55 -2.04
N SER B 219 22.00 -23.25 -1.26
CA SER B 219 21.16 -22.08 -1.51
C SER B 219 21.89 -20.77 -1.24
N LEU B 220 22.83 -20.80 -0.29
CA LEU B 220 23.58 -19.61 0.07
C LEU B 220 24.75 -19.36 -0.86
N LYS B 221 25.12 -20.37 -1.64
CA LYS B 221 26.27 -20.27 -2.54
C LYS B 221 26.39 -18.98 -3.34
N PRO B 222 25.36 -18.60 -4.12
CA PRO B 222 25.46 -17.37 -4.90
C PRO B 222 25.88 -16.16 -4.06
N CYS B 223 25.22 -15.98 -2.92
CA CYS B 223 25.55 -14.85 -2.06
C CYS B 223 26.90 -15.04 -1.37
N LEU B 224 27.19 -16.29 -1.02
CA LEU B 224 28.44 -16.65 -0.35
C LEU B 224 29.63 -16.32 -1.26
N MET B 225 29.51 -16.67 -2.54
CA MET B 225 30.57 -16.40 -3.51
C MET B 225 30.88 -14.91 -3.60
N ASP B 226 29.84 -14.08 -3.62
CA ASP B 226 30.03 -12.63 -3.71
C ASP B 226 30.62 -12.08 -2.41
N LEU B 227 30.11 -12.56 -1.29
CA LEU B 227 30.59 -12.10 0.00
C LEU B 227 32.08 -12.46 0.17
N HIS B 228 32.48 -13.61 -0.37
CA HIS B 228 33.87 -14.04 -0.30
C HIS B 228 34.73 -13.04 -1.08
N GLN B 229 34.31 -12.76 -2.31
CA GLN B 229 35.02 -11.82 -3.16
C GLN B 229 35.11 -10.44 -2.51
N THR B 230 34.07 -10.05 -1.79
CA THR B 230 34.06 -8.74 -1.15
C THR B 230 35.06 -8.76 0.01
N TYR B 231 35.15 -9.91 0.65
CA TYR B 231 36.05 -10.12 1.77
C TYR B 231 37.49 -10.05 1.22
N LEU B 232 37.77 -10.83 0.18
CA LEU B 232 39.10 -10.82 -0.44
C LEU B 232 39.50 -9.42 -0.89
N LYS B 233 38.60 -8.70 -1.55
CA LYS B 233 38.91 -7.37 -2.06
C LYS B 233 38.81 -6.25 -1.03
N ALA B 234 38.23 -6.56 0.13
CA ALA B 234 38.04 -5.56 1.18
C ALA B 234 39.18 -4.56 1.35
N PRO B 235 40.43 -5.03 1.39
CA PRO B 235 41.56 -4.11 1.55
C PRO B 235 41.76 -3.13 0.40
N GLN B 236 41.36 -3.52 -0.81
CA GLN B 236 41.51 -2.68 -1.99
C GLN B 236 40.30 -1.81 -2.34
N HIS B 237 39.27 -1.87 -1.49
CA HIS B 237 38.05 -1.11 -1.74
C HIS B 237 38.22 0.39 -1.49
N ALA B 238 37.62 1.19 -2.37
CA ALA B 238 37.68 2.65 -2.24
C ALA B 238 37.17 3.12 -0.87
N GLN B 239 36.24 2.39 -0.28
CA GLN B 239 35.71 2.76 1.03
C GLN B 239 36.37 1.89 2.10
N GLN B 240 36.89 2.54 3.15
CA GLN B 240 37.60 1.82 4.20
C GLN B 240 37.09 1.94 5.64
N SER B 241 36.08 2.76 5.86
CA SER B 241 35.56 2.95 7.22
C SER B 241 35.24 1.68 7.99
N ILE B 242 34.62 0.70 7.34
CA ILE B 242 34.26 -0.52 8.05
C ILE B 242 35.49 -1.34 8.48
N ARG B 243 36.49 -1.46 7.59
CA ARG B 243 37.72 -2.19 7.92
C ARG B 243 38.41 -1.52 9.11
N GLU B 244 38.55 -0.20 9.05
CA GLU B 244 39.18 0.52 10.14
C GLU B 244 38.45 0.22 11.43
N LYS B 245 37.14 0.41 11.42
CA LYS B 245 36.30 0.17 12.59
C LYS B 245 36.51 -1.22 13.15
N TYR B 246 36.67 -2.22 12.29
CA TYR B 246 36.86 -3.57 12.78
C TYR B 246 38.32 -3.96 13.03
N LYS B 247 39.18 -2.97 13.21
CA LYS B 247 40.58 -3.21 13.53
C LYS B 247 40.62 -3.13 15.05
N ASN B 248 39.64 -2.45 15.62
CA ASN B 248 39.53 -2.28 17.07
C ASN B 248 39.47 -3.62 17.79
N SER B 249 40.08 -3.66 18.98
CA SER B 249 40.09 -4.88 19.78
C SER B 249 38.67 -5.24 20.20
N LYS B 250 37.76 -4.27 20.16
CA LYS B 250 36.38 -4.54 20.52
C LYS B 250 35.81 -5.64 19.62
N TYR B 251 36.33 -5.72 18.41
CA TYR B 251 35.90 -6.71 17.43
C TYR B 251 36.99 -7.75 17.14
N HIS B 252 37.94 -7.87 18.08
CA HIS B 252 39.03 -8.84 17.94
C HIS B 252 39.76 -8.63 16.61
N GLY B 253 39.87 -7.37 16.20
CA GLY B 253 40.54 -7.02 14.96
C GLY B 253 40.31 -7.94 13.77
N VAL B 254 39.11 -8.50 13.66
CA VAL B 254 38.81 -9.42 12.56
C VAL B 254 38.98 -8.86 11.15
N SER B 255 39.03 -7.55 10.99
CA SER B 255 39.21 -7.00 9.65
C SER B 255 40.64 -7.27 9.19
N LEU B 256 41.47 -7.70 10.13
CA LEU B 256 42.86 -8.02 9.84
C LEU B 256 43.01 -9.50 9.51
N LEU B 257 42.03 -10.32 9.90
CA LEU B 257 42.08 -11.73 9.61
C LEU B 257 42.09 -11.95 8.10
N ASN B 258 42.91 -12.89 7.64
CA ASN B 258 43.00 -13.18 6.22
C ASN B 258 41.94 -14.19 5.80
N PRO B 259 41.22 -13.87 4.72
CA PRO B 259 40.15 -14.71 4.18
C PRO B 259 40.74 -15.97 3.57
N PRO B 260 40.06 -17.11 3.73
CA PRO B 260 40.64 -18.29 3.12
C PRO B 260 40.70 -18.07 1.62
N GLU B 261 41.65 -18.73 0.97
CA GLU B 261 41.87 -18.64 -0.46
C GLU B 261 40.63 -19.09 -1.23
N THR B 262 40.06 -20.23 -0.84
CA THR B 262 38.87 -20.77 -1.48
C THR B 262 37.90 -21.26 -0.41
N LEU B 263 36.69 -21.62 -0.83
CA LEU B 263 35.69 -22.07 0.13
C LEU B 263 35.41 -23.56 0.06
N ASN B 264 35.99 -24.20 -0.96
CA ASN B 264 35.82 -25.64 -1.13
C ASN B 264 34.35 -26.03 -1.01
N LEU B 265 33.48 -25.23 -1.60
CA LEU B 265 32.05 -25.51 -1.56
C LEU B 265 31.70 -26.60 -2.58
N ASP C 5 3.12 19.75 2.79
CA ASP C 5 3.38 18.88 1.61
C ASP C 5 3.66 19.75 0.38
N MET C 6 2.68 20.58 0.02
CA MET C 6 2.79 21.49 -1.12
C MET C 6 3.87 22.54 -0.85
N GLU C 7 4.27 22.62 0.41
CA GLU C 7 5.28 23.57 0.85
C GLU C 7 6.69 23.12 0.48
N ASN C 8 6.83 21.86 0.06
CA ASN C 8 8.14 21.35 -0.33
C ASN C 8 8.43 21.60 -1.80
N PHE C 9 7.56 22.34 -2.46
CA PHE C 9 7.76 22.65 -3.88
C PHE C 9 8.06 24.11 -4.12
N GLN C 10 8.97 24.35 -5.06
CA GLN C 10 9.36 25.70 -5.44
C GLN C 10 8.94 25.88 -6.89
N LYS C 11 8.03 26.82 -7.13
CA LYS C 11 7.55 27.10 -8.49
C LYS C 11 8.67 27.80 -9.25
N VAL C 12 8.96 27.35 -10.47
CA VAL C 12 10.00 27.99 -11.27
C VAL C 12 9.38 28.85 -12.37
N GLU C 13 8.21 28.46 -12.86
CA GLU C 13 7.53 29.21 -13.90
C GLU C 13 6.34 28.47 -14.51
N LYS C 14 5.34 29.24 -14.94
CA LYS C 14 4.15 28.69 -15.57
C LYS C 14 4.59 28.11 -16.91
N ILE C 15 4.09 26.93 -17.25
CA ILE C 15 4.46 26.32 -18.51
C ILE C 15 3.23 25.98 -19.34
N GLY C 16 2.09 26.53 -18.94
CA GLY C 16 0.86 26.26 -19.67
C GLY C 16 -0.39 26.45 -18.84
N GLU C 17 -1.54 26.56 -19.50
CA GLU C 17 -2.81 26.74 -18.82
C GLU C 17 -3.96 26.07 -19.55
N GLY C 18 -5.12 26.72 -19.52
CA GLY C 18 -6.29 26.17 -20.18
C GLY C 18 -7.50 26.19 -19.26
N THR C 19 -8.54 25.43 -19.63
CA THR C 19 -9.75 25.36 -18.83
C THR C 19 -9.55 24.45 -17.63
N TYR C 20 -8.93 23.29 -17.87
CA TYR C 20 -8.66 22.31 -16.82
C TYR C 20 -7.90 22.89 -15.63
N GLY C 21 -7.10 23.92 -15.88
CA GLY C 21 -6.33 24.54 -14.82
C GLY C 21 -4.95 25.03 -15.24
N VAL C 22 -4.11 25.34 -14.27
CA VAL C 22 -2.75 25.83 -14.53
C VAL C 22 -1.67 24.77 -14.32
N VAL C 23 -0.65 24.81 -15.16
CA VAL C 23 0.46 23.86 -15.08
C VAL C 23 1.78 24.59 -14.89
N TYR C 24 2.50 24.28 -13.81
CA TYR C 24 3.77 24.93 -13.54
C TYR C 24 4.93 23.93 -13.60
N LYS C 25 6.13 24.47 -13.72
CA LYS C 25 7.35 23.67 -13.70
C LYS C 25 7.84 24.01 -12.29
N ALA C 26 8.21 23.00 -11.52
CA ALA C 26 8.65 23.25 -10.15
C ALA C 26 9.73 22.29 -9.70
N ARG C 27 10.33 22.63 -8.57
CA ARG C 27 11.42 21.83 -8.02
C ARG C 27 11.10 21.39 -6.60
N ASN C 28 11.42 20.14 -6.28
CA ASN C 28 11.21 19.64 -4.92
C ASN C 28 12.37 20.26 -4.12
N LYS C 29 12.04 21.08 -3.14
CA LYS C 29 13.05 21.75 -2.33
C LYS C 29 13.97 20.78 -1.58
N LEU C 30 13.45 19.61 -1.22
CA LEU C 30 14.23 18.63 -0.48
C LEU C 30 15.03 17.63 -1.32
N THR C 31 14.47 17.20 -2.45
CA THR C 31 15.16 16.24 -3.29
C THR C 31 15.76 16.80 -4.57
N GLY C 32 15.33 18.00 -4.95
CA GLY C 32 15.83 18.63 -6.16
C GLY C 32 15.13 18.16 -7.42
N GLU C 33 14.24 17.19 -7.28
CA GLU C 33 13.51 16.66 -8.43
C GLU C 33 12.70 17.76 -9.10
N VAL C 34 12.75 17.78 -10.42
CA VAL C 34 12.03 18.76 -11.21
C VAL C 34 10.72 18.11 -11.64
N VAL C 35 9.63 18.87 -11.53
CA VAL C 35 8.34 18.30 -11.89
C VAL C 35 7.40 19.28 -12.56
N ALA C 36 6.34 18.72 -13.13
CA ALA C 36 5.31 19.50 -13.76
C ALA C 36 4.09 19.42 -12.85
N LEU C 37 3.72 20.55 -12.25
CA LEU C 37 2.57 20.62 -11.36
C LEU C 37 1.31 21.07 -12.07
N LYS C 38 0.24 20.28 -11.98
CA LYS C 38 -1.04 20.63 -12.58
C LYS C 38 -1.92 21.04 -11.40
N LYS C 39 -2.37 22.29 -11.41
CA LYS C 39 -3.22 22.80 -10.33
C LYS C 39 -4.65 22.88 -10.82
N ILE C 40 -5.59 22.48 -9.98
CA ILE C 40 -7.00 22.52 -10.33
C ILE C 40 -7.78 23.14 -9.19
N ARG C 41 -8.36 24.32 -9.42
CA ARG C 41 -9.15 25.01 -8.42
C ARG C 41 -10.49 24.29 -8.36
N LEU C 42 -10.85 23.83 -7.17
CA LEU C 42 -12.08 23.08 -6.98
C LEU C 42 -13.33 23.86 -6.62
N ASP C 43 -14.46 23.38 -7.13
CA ASP C 43 -15.76 23.96 -6.84
C ASP C 43 -16.26 23.06 -5.70
N THR C 44 -16.01 23.47 -4.47
CA THR C 44 -16.37 22.68 -3.30
C THR C 44 -17.86 22.67 -2.92
N GLU C 45 -18.68 23.40 -3.67
CA GLU C 45 -20.11 23.46 -3.36
C GLU C 45 -21.04 22.87 -4.42
N THR C 46 -20.61 22.87 -5.68
CA THR C 46 -21.46 22.34 -6.74
C THR C 46 -20.83 21.36 -7.72
N GLU C 47 -19.51 21.16 -7.64
CA GLU C 47 -18.90 20.21 -8.58
C GLU C 47 -18.05 19.11 -7.95
N GLY C 48 -17.14 19.49 -7.07
CA GLY C 48 -16.26 18.51 -6.46
C GLY C 48 -15.11 18.23 -7.42
N VAL C 49 -14.56 17.03 -7.39
CA VAL C 49 -13.46 16.71 -8.29
C VAL C 49 -13.97 16.45 -9.71
N PRO C 50 -13.41 17.16 -10.70
CA PRO C 50 -13.76 17.03 -12.12
C PRO C 50 -13.62 15.60 -12.63
N SER C 51 -14.58 15.19 -13.45
CA SER C 51 -14.58 13.85 -14.02
C SER C 51 -13.34 13.56 -14.85
N THR C 52 -12.81 14.57 -15.53
CA THR C 52 -11.63 14.37 -16.34
C THR C 52 -10.45 14.04 -15.46
N ALA C 53 -10.40 14.64 -14.28
CA ALA C 53 -9.31 14.37 -13.34
C ALA C 53 -9.52 12.97 -12.75
N ILE C 54 -10.76 12.64 -12.41
CA ILE C 54 -11.09 11.33 -11.87
C ILE C 54 -10.53 10.27 -12.81
N ARG C 55 -10.81 10.41 -14.10
CA ARG C 55 -10.34 9.44 -15.08
C ARG C 55 -8.84 9.50 -15.32
N GLU C 56 -8.30 10.71 -15.42
CA GLU C 56 -6.88 10.86 -15.67
C GLU C 56 -6.07 10.24 -14.54
N ILE C 57 -6.36 10.62 -13.31
CA ILE C 57 -5.65 10.09 -12.16
C ILE C 57 -5.73 8.56 -12.02
N SER C 58 -6.95 8.04 -11.93
CA SER C 58 -7.12 6.59 -11.77
C SER C 58 -6.56 5.77 -12.92
N LEU C 59 -6.71 6.25 -14.15
CA LEU C 59 -6.19 5.49 -15.28
C LEU C 59 -4.69 5.60 -15.36
N LEU C 60 -4.18 6.80 -15.13
CA LEU C 60 -2.75 7.04 -15.21
C LEU C 60 -1.91 6.28 -14.18
N LYS C 61 -2.37 6.19 -12.95
CA LYS C 61 -1.58 5.45 -11.97
C LYS C 61 -1.65 3.95 -12.20
N GLU C 62 -2.39 3.55 -13.23
CA GLU C 62 -2.51 2.15 -13.59
C GLU C 62 -1.68 1.91 -14.84
N LEU C 63 -1.03 2.98 -15.32
CA LEU C 63 -0.23 2.93 -16.53
C LEU C 63 1.21 3.36 -16.31
N ASN C 64 2.00 2.52 -15.66
CA ASN C 64 3.40 2.87 -15.43
C ASN C 64 4.18 2.28 -16.60
N HIS C 65 4.84 3.16 -17.36
CA HIS C 65 5.58 2.72 -18.53
C HIS C 65 6.53 3.83 -18.96
N PRO C 66 7.69 3.45 -19.52
CA PRO C 66 8.64 4.48 -19.93
C PRO C 66 8.09 5.47 -20.97
N ASN C 67 7.15 5.00 -21.79
CA ASN C 67 6.58 5.85 -22.83
C ASN C 67 5.22 6.46 -22.52
N ILE C 68 4.94 6.67 -21.24
CA ILE C 68 3.69 7.26 -20.80
C ILE C 68 4.01 8.22 -19.67
N VAL C 69 3.61 9.49 -19.82
CA VAL C 69 3.88 10.48 -18.78
C VAL C 69 3.62 9.88 -17.39
N LYS C 70 4.56 10.09 -16.48
CA LYS C 70 4.42 9.53 -15.15
C LYS C 70 3.79 10.48 -14.14
N LEU C 71 2.71 9.99 -13.51
CA LEU C 71 2.01 10.73 -12.47
C LEU C 71 2.74 10.33 -11.19
N LEU C 72 3.36 11.30 -10.55
CA LEU C 72 4.15 11.04 -9.35
C LEU C 72 3.38 11.18 -8.05
N ASP C 73 2.42 12.10 -8.02
CA ASP C 73 1.66 12.32 -6.79
C ASP C 73 0.36 13.05 -7.05
N VAL C 74 -0.50 13.07 -6.04
CA VAL C 74 -1.78 13.74 -6.10
C VAL C 74 -2.02 14.35 -4.73
N ILE C 75 -2.13 15.67 -4.66
CA ILE C 75 -2.36 16.33 -3.39
C ILE C 75 -3.75 16.96 -3.41
N HIS C 76 -4.61 16.48 -2.51
CA HIS C 76 -5.98 16.94 -2.44
C HIS C 76 -6.24 17.78 -1.19
N THR C 77 -6.17 19.11 -1.34
CA THR C 77 -6.43 19.99 -0.20
C THR C 77 -7.93 20.28 -0.12
N GLU C 78 -8.32 21.24 0.71
CA GLU C 78 -9.73 21.54 0.85
C GLU C 78 -10.39 22.03 -0.43
N ASN C 79 -9.75 22.98 -1.13
CA ASN C 79 -10.31 23.53 -2.36
C ASN C 79 -9.38 23.45 -3.57
N LYS C 80 -8.36 22.61 -3.48
CA LYS C 80 -7.42 22.47 -4.59
C LYS C 80 -6.96 21.04 -4.77
N LEU C 81 -6.66 20.69 -6.01
CA LEU C 81 -6.19 19.35 -6.36
C LEU C 81 -4.95 19.47 -7.25
N TYR C 82 -3.80 19.05 -6.74
CA TYR C 82 -2.57 19.12 -7.51
C TYR C 82 -2.11 17.75 -8.00
N LEU C 83 -1.77 17.69 -9.29
CA LEU C 83 -1.28 16.45 -9.87
C LEU C 83 0.20 16.70 -10.19
N VAL C 84 1.07 15.87 -9.63
CA VAL C 84 2.50 15.99 -9.83
C VAL C 84 2.97 15.00 -10.89
N PHE C 85 3.56 15.53 -11.97
CA PHE C 85 4.06 14.68 -13.06
C PHE C 85 5.56 14.80 -13.23
N GLU C 86 6.15 13.89 -13.99
CA GLU C 86 7.56 13.99 -14.28
C GLU C 86 7.64 15.14 -15.30
N PHE C 87 8.76 15.85 -15.35
CA PHE C 87 8.87 16.95 -16.29
C PHE C 87 9.58 16.58 -17.59
N LEU C 88 9.06 17.09 -18.70
CA LEU C 88 9.68 16.88 -20.00
C LEU C 88 9.83 18.26 -20.63
N HIS C 89 10.93 18.44 -21.35
CA HIS C 89 11.28 19.70 -21.96
C HIS C 89 10.41 20.26 -23.08
N GLN C 90 10.00 19.41 -24.01
CA GLN C 90 9.22 19.87 -25.15
C GLN C 90 8.18 18.86 -25.62
N ASP C 91 7.20 19.34 -26.38
CA ASP C 91 6.17 18.46 -26.93
C ASP C 91 6.44 18.36 -28.43
N LEU C 92 5.98 17.27 -29.04
CA LEU C 92 6.22 17.03 -30.46
C LEU C 92 5.72 18.12 -31.42
N LYS C 93 4.67 18.84 -31.05
CA LYS C 93 4.17 19.88 -31.94
C LYS C 93 5.21 20.98 -32.12
N LYS C 94 5.68 21.54 -31.01
CA LYS C 94 6.68 22.60 -31.08
C LYS C 94 8.00 22.13 -31.67
N PHE C 95 8.24 20.83 -31.64
CA PHE C 95 9.47 20.27 -32.18
C PHE C 95 9.34 20.06 -33.69
N MET C 96 8.14 19.70 -34.13
CA MET C 96 7.90 19.48 -35.56
C MET C 96 8.02 20.84 -36.24
N ASP C 97 7.61 21.87 -35.53
CA ASP C 97 7.65 23.23 -36.06
C ASP C 97 9.09 23.75 -36.11
N ALA C 98 9.82 23.58 -35.02
CA ALA C 98 11.21 24.05 -34.97
C ALA C 98 12.06 23.28 -35.99
N SER C 99 11.50 22.20 -36.52
CA SER C 99 12.19 21.37 -37.50
C SER C 99 11.49 21.43 -38.86
N ALA C 100 10.62 22.41 -39.04
CA ALA C 100 9.88 22.55 -40.30
C ALA C 100 10.82 22.78 -41.48
N LEU C 101 11.90 23.50 -41.23
CA LEU C 101 12.90 23.80 -42.25
C LEU C 101 13.72 22.56 -42.55
N THR C 102 14.58 22.18 -41.61
CA THR C 102 15.44 21.02 -41.76
C THR C 102 14.66 19.71 -41.87
N GLY C 103 13.64 19.57 -41.03
CA GLY C 103 12.84 18.36 -41.05
C GLY C 103 13.36 17.38 -40.01
N ILE C 104 12.45 16.67 -39.35
CA ILE C 104 12.86 15.69 -38.34
C ILE C 104 13.54 14.53 -39.05
N PRO C 105 14.79 14.23 -38.67
CA PRO C 105 15.58 13.13 -39.26
C PRO C 105 14.79 11.83 -39.27
N LEU C 106 14.82 11.10 -40.38
CA LEU C 106 14.11 9.83 -40.47
C LEU C 106 14.48 8.86 -39.35
N PRO C 107 15.75 8.83 -38.93
CA PRO C 107 16.11 7.91 -37.84
C PRO C 107 15.35 8.23 -36.55
N LEU C 108 15.25 9.52 -36.24
CA LEU C 108 14.55 9.97 -35.04
C LEU C 108 13.06 9.72 -35.15
N ILE C 109 12.55 9.78 -36.38
CA ILE C 109 11.13 9.56 -36.61
C ILE C 109 10.77 8.11 -36.35
N LYS C 110 11.61 7.20 -36.82
CA LYS C 110 11.38 5.77 -36.63
C LYS C 110 11.43 5.46 -35.14
N SER C 111 12.30 6.20 -34.44
CA SER C 111 12.47 6.04 -33.01
C SER C 111 11.20 6.47 -32.27
N TYR C 112 10.77 7.71 -32.54
CA TYR C 112 9.57 8.24 -31.90
C TYR C 112 8.34 7.38 -32.16
N LEU C 113 8.16 6.91 -33.38
CA LEU C 113 7.01 6.07 -33.69
C LEU C 113 7.12 4.70 -33.02
N PHE C 114 8.34 4.30 -32.68
CA PHE C 114 8.57 3.02 -32.03
C PHE C 114 8.14 3.14 -30.57
N GLN C 115 8.58 4.22 -29.94
CA GLN C 115 8.26 4.48 -28.54
C GLN C 115 6.77 4.75 -28.37
N LEU C 116 6.19 5.54 -29.26
CA LEU C 116 4.77 5.86 -29.20
C LEU C 116 3.95 4.58 -29.25
N LEU C 117 4.28 3.69 -30.18
CA LEU C 117 3.55 2.43 -30.29
C LEU C 117 3.73 1.58 -29.03
N GLN C 118 4.86 1.72 -28.37
CA GLN C 118 5.07 0.94 -27.17
C GLN C 118 4.17 1.46 -26.06
N GLY C 119 4.09 2.79 -25.94
CA GLY C 119 3.24 3.37 -24.92
C GLY C 119 1.79 3.03 -25.21
N LEU C 120 1.38 3.13 -26.47
CA LEU C 120 0.02 2.83 -26.85
C LEU C 120 -0.32 1.34 -26.67
N ALA C 121 0.61 0.48 -27.03
CA ALA C 121 0.37 -0.96 -26.89
C ALA C 121 0.13 -1.31 -25.42
N PHE C 122 0.79 -0.58 -24.52
CA PHE C 122 0.63 -0.80 -23.10
C PHE C 122 -0.73 -0.32 -22.64
N CYS C 123 -1.19 0.80 -23.19
CA CYS C 123 -2.49 1.34 -22.85
C CYS C 123 -3.57 0.35 -23.24
N HIS C 124 -3.57 -0.02 -24.52
CA HIS C 124 -4.56 -0.96 -25.04
C HIS C 124 -4.58 -2.32 -24.36
N SER C 125 -3.41 -2.79 -23.91
CA SER C 125 -3.39 -4.10 -23.25
C SER C 125 -3.94 -3.97 -21.84
N HIS C 126 -3.98 -2.73 -21.34
CA HIS C 126 -4.53 -2.43 -20.01
C HIS C 126 -5.91 -1.76 -20.14
N ARG C 127 -6.62 -2.13 -21.20
CA ARG C 127 -7.95 -1.63 -21.51
C ARG C 127 -8.19 -0.12 -21.40
N VAL C 128 -7.24 0.68 -21.85
CA VAL C 128 -7.38 2.13 -21.84
C VAL C 128 -7.24 2.73 -23.24
N LEU C 129 -8.27 3.45 -23.68
CA LEU C 129 -8.25 4.12 -24.97
C LEU C 129 -7.81 5.53 -24.66
N HIS C 130 -6.89 6.07 -25.45
CA HIS C 130 -6.40 7.44 -25.22
C HIS C 130 -7.40 8.44 -25.78
N ARG C 131 -7.69 8.30 -27.08
CA ARG C 131 -8.66 9.14 -27.81
C ARG C 131 -8.31 10.59 -28.13
N ASP C 132 -7.11 11.03 -27.78
CA ASP C 132 -6.75 12.42 -28.08
C ASP C 132 -5.28 12.50 -28.44
N LEU C 133 -4.84 11.57 -29.29
CA LEU C 133 -3.46 11.54 -29.71
C LEU C 133 -3.16 12.58 -30.80
N LYS C 134 -2.41 13.61 -30.43
CA LYS C 134 -2.00 14.65 -31.35
C LYS C 134 -0.65 15.20 -30.89
N PRO C 135 0.21 15.60 -31.84
CA PRO C 135 1.55 16.13 -31.56
C PRO C 135 1.69 16.92 -30.27
N GLN C 136 0.69 17.74 -29.99
CA GLN C 136 0.65 18.58 -28.80
C GLN C 136 0.60 17.79 -27.47
N ASN C 137 0.06 16.58 -27.52
CA ASN C 137 -0.05 15.75 -26.33
C ASN C 137 1.07 14.72 -26.19
N LEU C 138 2.10 14.83 -27.02
CA LEU C 138 3.22 13.90 -26.94
C LEU C 138 4.45 14.66 -26.43
N LEU C 139 4.95 14.26 -25.26
CA LEU C 139 6.11 14.93 -24.68
C LEU C 139 7.43 14.24 -25.03
N ILE C 140 8.49 15.04 -25.18
CA ILE C 140 9.82 14.53 -25.50
C ILE C 140 10.87 15.17 -24.59
N ASN C 141 11.90 14.39 -24.24
CA ASN C 141 12.98 14.89 -23.39
C ASN C 141 14.27 15.01 -24.19
N THR C 142 15.30 15.56 -23.54
CA THR C 142 16.59 15.73 -24.19
C THR C 142 17.30 14.41 -24.48
N GLU C 143 16.91 13.35 -23.77
CA GLU C 143 17.52 12.02 -23.94
C GLU C 143 17.00 11.22 -25.12
N GLY C 144 16.07 11.79 -25.88
CA GLY C 144 15.53 11.07 -27.02
C GLY C 144 14.29 10.23 -26.77
N ALA C 145 13.61 10.47 -25.65
CA ALA C 145 12.41 9.70 -25.37
C ALA C 145 11.16 10.52 -25.63
N ILE C 146 10.09 9.83 -25.98
CA ILE C 146 8.81 10.50 -26.22
C ILE C 146 7.75 9.69 -25.45
N LYS C 147 6.82 10.40 -24.82
CA LYS C 147 5.78 9.74 -24.03
C LYS C 147 4.36 10.28 -24.27
N LEU C 148 3.36 9.40 -24.15
CA LEU C 148 1.97 9.80 -24.31
C LEU C 148 1.62 10.65 -23.10
N ALA C 149 0.88 11.72 -23.33
CA ALA C 149 0.48 12.60 -22.24
C ALA C 149 -0.97 13.02 -22.44
N ASP C 150 -1.45 13.88 -21.54
CA ASP C 150 -2.81 14.39 -21.60
C ASP C 150 -3.84 13.27 -21.75
N PHE C 151 -4.20 12.64 -20.63
CA PHE C 151 -5.17 11.56 -20.62
C PHE C 151 -6.57 12.04 -20.21
N GLY C 152 -6.84 13.33 -20.41
CA GLY C 152 -8.13 13.90 -20.06
C GLY C 152 -9.35 13.35 -20.79
N LEU C 153 -9.13 12.73 -21.94
CA LEU C 153 -10.23 12.17 -22.72
C LEU C 153 -10.18 10.65 -22.76
N ALA C 154 -9.21 10.08 -22.05
CA ALA C 154 -9.03 8.63 -22.02
C ALA C 154 -10.14 7.92 -21.26
N ARG C 155 -10.39 6.66 -21.61
CA ARG C 155 -11.42 5.87 -20.97
C ARG C 155 -11.10 4.38 -20.95
N ALA C 156 -11.54 3.71 -19.89
CA ALA C 156 -11.31 2.28 -19.76
C ALA C 156 -12.36 1.62 -20.61
N PHE C 157 -12.00 0.56 -21.34
CA PHE C 157 -13.00 -0.09 -22.15
C PHE C 157 -13.28 -1.53 -21.78
N GLY C 158 -13.32 -1.80 -20.48
CA GLY C 158 -13.65 -3.15 -20.01
C GLY C 158 -15.06 -3.41 -20.51
N VAL C 159 -15.77 -2.31 -20.72
CA VAL C 159 -17.12 -2.29 -21.26
C VAL C 159 -17.02 -1.30 -22.44
N PRO C 160 -17.77 -1.53 -23.53
CA PRO C 160 -17.72 -0.64 -24.70
C PRO C 160 -17.88 0.85 -24.40
N VAL C 161 -17.14 1.68 -25.14
CA VAL C 161 -17.18 3.13 -24.99
C VAL C 161 -17.94 3.74 -26.16
N ARG C 162 -19.07 4.39 -25.87
CA ARG C 162 -19.90 5.02 -26.89
C ARG C 162 -19.34 6.36 -27.37
N THR C 163 -19.56 6.65 -28.65
CA THR C 163 -19.09 7.90 -29.22
C THR C 163 -19.88 9.10 -28.73
N TYR C 164 -19.16 10.09 -28.19
CA TYR C 164 -19.77 11.33 -27.70
C TYR C 164 -20.58 11.93 -28.84
N THR C 165 -21.84 12.25 -28.58
CA THR C 165 -22.70 12.84 -29.62
C THR C 165 -21.92 13.95 -30.33
N HIS C 166 -21.14 14.71 -29.55
CA HIS C 166 -20.33 15.79 -30.11
C HIS C 166 -18.85 15.41 -30.08
N GLU C 167 -18.15 15.82 -31.13
CA GLU C 167 -16.71 15.56 -31.33
C GLU C 167 -15.87 15.25 -30.08
N VAL C 168 -14.81 14.46 -30.28
CA VAL C 168 -13.89 14.11 -29.20
C VAL C 168 -12.46 14.31 -29.69
N VAL C 169 -11.95 13.38 -30.49
CA VAL C 169 -10.60 13.50 -31.03
C VAL C 169 -10.53 14.73 -31.93
N THR C 170 -9.48 15.53 -31.82
CA THR C 170 -9.33 16.72 -32.66
C THR C 170 -9.49 16.29 -34.13
N LEU C 171 -10.31 17.03 -34.87
CA LEU C 171 -10.64 16.74 -36.27
C LEU C 171 -9.58 16.14 -37.19
N TRP C 172 -8.43 16.79 -37.29
CA TRP C 172 -7.36 16.33 -38.17
C TRP C 172 -6.86 14.91 -37.91
N TYR C 173 -7.05 14.45 -36.68
CA TYR C 173 -6.58 13.11 -36.31
C TYR C 173 -7.72 12.16 -36.03
N ARG C 174 -8.92 12.55 -36.42
CA ARG C 174 -10.11 11.74 -36.21
C ARG C 174 -10.23 10.69 -37.30
N ALA C 175 -10.54 9.47 -36.90
CA ALA C 175 -10.67 8.34 -37.83
C ALA C 175 -12.01 8.31 -38.56
N PRO C 176 -12.01 7.75 -39.78
CA PRO C 176 -13.21 7.64 -40.63
C PRO C 176 -14.44 7.01 -39.95
N GLU C 177 -14.23 6.01 -39.10
CA GLU C 177 -15.35 5.35 -38.42
C GLU C 177 -16.11 6.38 -37.60
N ILE C 178 -15.37 7.27 -36.95
CA ILE C 178 -15.98 8.30 -36.13
C ILE C 178 -16.74 9.26 -37.06
N LEU C 179 -16.05 9.77 -38.07
CA LEU C 179 -16.63 10.69 -39.03
C LEU C 179 -17.89 10.10 -39.66
N LEU C 180 -17.85 8.80 -39.94
CA LEU C 180 -19.02 8.17 -40.53
C LEU C 180 -20.07 7.83 -39.45
N GLY C 181 -19.79 8.26 -38.23
CA GLY C 181 -20.71 8.04 -37.12
C GLY C 181 -20.85 6.65 -36.52
N CYS C 182 -19.75 5.94 -36.30
CA CYS C 182 -19.83 4.62 -35.71
C CYS C 182 -20.36 4.75 -34.28
N LYS C 183 -21.02 3.70 -33.80
CA LYS C 183 -21.60 3.70 -32.46
C LYS C 183 -20.58 3.62 -31.31
N TYR C 184 -19.51 2.85 -31.51
CA TYR C 184 -18.48 2.68 -30.48
C TYR C 184 -17.06 3.01 -30.89
N TYR C 185 -16.24 3.35 -29.90
CA TYR C 185 -14.82 3.61 -30.12
C TYR C 185 -14.14 2.26 -30.06
N SER C 186 -12.95 2.15 -30.65
CA SER C 186 -12.16 0.92 -30.58
C SER C 186 -10.72 1.38 -30.58
N THR C 187 -9.80 0.46 -30.28
CA THR C 187 -8.38 0.78 -30.24
C THR C 187 -7.88 1.30 -31.59
N ALA C 188 -8.62 1.00 -32.66
CA ALA C 188 -8.25 1.44 -34.00
C ALA C 188 -8.22 2.97 -34.15
N VAL C 189 -9.05 3.69 -33.39
CA VAL C 189 -9.03 5.15 -33.52
C VAL C 189 -7.71 5.71 -33.06
N ASP C 190 -7.09 5.06 -32.06
CA ASP C 190 -5.79 5.52 -31.57
C ASP C 190 -4.70 5.26 -32.61
N ILE C 191 -4.76 4.11 -33.28
CA ILE C 191 -3.77 3.78 -34.29
C ILE C 191 -3.89 4.77 -35.45
N TRP C 192 -5.12 5.00 -35.92
CA TRP C 192 -5.36 5.95 -36.99
C TRP C 192 -4.65 7.25 -36.71
N SER C 193 -4.89 7.81 -35.53
CA SER C 193 -4.28 9.06 -35.13
C SER C 193 -2.77 9.01 -35.21
N LEU C 194 -2.21 7.88 -34.77
CA LEU C 194 -0.77 7.70 -34.78
C LEU C 194 -0.28 7.65 -36.23
N GLY C 195 -1.10 7.10 -37.11
CA GLY C 195 -0.74 7.05 -38.51
C GLY C 195 -0.56 8.47 -39.01
N CYS C 196 -1.56 9.32 -38.73
CA CYS C 196 -1.52 10.71 -39.15
C CYS C 196 -0.31 11.43 -38.60
N ILE C 197 0.06 11.12 -37.37
CA ILE C 197 1.20 11.78 -36.77
C ILE C 197 2.49 11.26 -37.39
N PHE C 198 2.43 10.04 -37.90
CA PHE C 198 3.60 9.44 -38.54
C PHE C 198 3.86 10.21 -39.85
N ALA C 199 2.85 10.25 -40.71
CA ALA C 199 2.96 10.95 -41.98
C ALA C 199 3.38 12.38 -41.76
N GLU C 200 2.74 13.03 -40.79
CA GLU C 200 3.04 14.42 -40.47
C GLU C 200 4.49 14.70 -40.08
N MET C 201 5.16 13.70 -39.52
CA MET C 201 6.56 13.87 -39.13
C MET C 201 7.43 13.77 -40.37
N VAL C 202 7.01 12.90 -41.27
CA VAL C 202 7.73 12.66 -42.51
C VAL C 202 7.54 13.75 -43.57
N THR C 203 6.32 14.24 -43.72
CA THR C 203 6.00 15.25 -44.72
C THR C 203 6.14 16.71 -44.27
N ARG C 204 6.23 16.94 -42.97
CA ARG C 204 6.35 18.29 -42.41
C ARG C 204 5.01 19.03 -42.44
N ARG C 205 3.93 18.32 -42.71
CA ARG C 205 2.61 18.91 -42.77
C ARG C 205 1.51 17.91 -42.36
N ALA C 206 0.45 18.43 -41.76
CA ALA C 206 -0.66 17.58 -41.35
C ALA C 206 -1.13 16.78 -42.56
N LEU C 207 -1.41 15.49 -42.34
CA LEU C 207 -1.86 14.61 -43.42
C LEU C 207 -3.26 14.92 -43.96
N PHE C 208 -4.19 15.20 -43.07
CA PHE C 208 -5.57 15.50 -43.44
C PHE C 208 -6.10 16.71 -42.66
N PRO C 209 -5.66 17.93 -43.03
CA PRO C 209 -6.10 19.13 -42.33
C PRO C 209 -7.51 19.59 -42.73
N GLY C 210 -8.51 18.76 -42.42
CA GLY C 210 -9.88 19.09 -42.75
C GLY C 210 -10.36 20.41 -42.18
N ASP C 211 -11.36 21.02 -42.82
CA ASP C 211 -11.93 22.29 -42.39
C ASP C 211 -13.24 22.03 -41.64
N SER C 212 -13.85 20.88 -41.92
CA SER C 212 -15.10 20.47 -41.28
C SER C 212 -15.19 18.95 -41.39
N GLU C 213 -16.19 18.37 -40.73
CA GLU C 213 -16.35 16.92 -40.79
C GLU C 213 -16.33 16.40 -42.22
N ILE C 214 -17.13 17.01 -43.08
CA ILE C 214 -17.19 16.57 -44.47
C ILE C 214 -15.88 16.79 -45.22
N ASP C 215 -15.22 17.91 -44.99
CA ASP C 215 -13.96 18.17 -45.67
C ASP C 215 -12.87 17.21 -45.19
N GLN C 216 -12.92 16.87 -43.91
CA GLN C 216 -11.96 15.95 -43.30
C GLN C 216 -12.16 14.60 -43.97
N LEU C 217 -13.41 14.16 -44.02
CA LEU C 217 -13.74 12.90 -44.64
C LEU C 217 -13.27 12.83 -46.10
N PHE C 218 -13.57 13.86 -46.88
CA PHE C 218 -13.20 13.88 -48.28
C PHE C 218 -11.70 13.99 -48.53
N ARG C 219 -10.98 14.68 -47.65
CA ARG C 219 -9.54 14.77 -47.82
C ARG C 219 -9.01 13.35 -47.64
N ILE C 220 -9.66 12.57 -46.77
CA ILE C 220 -9.25 11.19 -46.54
C ILE C 220 -9.55 10.37 -47.79
N PHE C 221 -10.76 10.50 -48.32
CA PHE C 221 -11.15 9.81 -49.54
C PHE C 221 -10.27 10.22 -50.71
N ARG C 222 -9.90 11.49 -50.72
CA ARG C 222 -9.08 12.06 -51.77
C ARG C 222 -7.67 11.49 -51.79
N THR C 223 -7.24 10.92 -50.67
CA THR C 223 -5.90 10.34 -50.57
C THR C 223 -5.90 8.82 -50.55
N LEU C 224 -6.88 8.24 -49.86
CA LEU C 224 -6.94 6.79 -49.72
C LEU C 224 -8.02 6.15 -50.59
N GLY C 225 -8.76 6.99 -51.32
CA GLY C 225 -9.80 6.49 -52.19
C GLY C 225 -11.12 6.30 -51.48
N THR C 226 -12.22 6.54 -52.18
CA THR C 226 -13.54 6.39 -51.58
C THR C 226 -13.74 4.94 -51.23
N PRO C 227 -14.02 4.65 -49.95
CA PRO C 227 -14.23 3.26 -49.54
C PRO C 227 -15.54 2.68 -50.04
N ASP C 228 -15.52 1.39 -50.37
CA ASP C 228 -16.71 0.68 -50.85
C ASP C 228 -16.87 -0.58 -50.02
N GLU C 229 -18.03 -1.22 -50.12
CA GLU C 229 -18.30 -2.45 -49.37
C GLU C 229 -17.20 -3.50 -49.40
N VAL C 230 -16.33 -3.42 -50.40
CA VAL C 230 -15.24 -4.38 -50.53
C VAL C 230 -14.04 -4.04 -49.67
N VAL C 231 -13.60 -2.79 -49.72
CA VAL C 231 -12.44 -2.38 -48.94
C VAL C 231 -12.81 -2.26 -47.45
N TRP C 232 -14.09 -2.00 -47.20
CA TRP C 232 -14.56 -1.81 -45.84
C TRP C 232 -16.01 -2.28 -45.69
N PRO C 233 -16.22 -3.60 -45.61
CA PRO C 233 -17.55 -4.20 -45.47
C PRO C 233 -18.40 -3.49 -44.43
N GLY C 234 -19.67 -3.26 -44.77
CA GLY C 234 -20.58 -2.59 -43.86
C GLY C 234 -20.52 -1.07 -43.91
N VAL C 235 -19.46 -0.52 -44.50
CA VAL C 235 -19.32 0.94 -44.56
C VAL C 235 -20.54 1.67 -45.15
N THR C 236 -21.12 1.14 -46.22
CA THR C 236 -22.27 1.77 -46.85
C THR C 236 -23.54 1.68 -46.01
N SER C 237 -23.42 1.07 -44.82
CA SER C 237 -24.58 0.95 -43.94
C SER C 237 -24.44 1.86 -42.73
N MET C 238 -23.26 2.47 -42.60
CA MET C 238 -23.00 3.38 -41.49
C MET C 238 -23.90 4.62 -41.53
N PRO C 239 -24.26 5.15 -40.35
CA PRO C 239 -25.11 6.32 -40.15
C PRO C 239 -24.86 7.53 -41.04
N ASP C 240 -23.61 7.96 -41.13
CA ASP C 240 -23.29 9.15 -41.92
C ASP C 240 -22.73 8.85 -43.30
N TYR C 241 -23.00 7.67 -43.82
CA TYR C 241 -22.54 7.34 -45.15
C TYR C 241 -23.65 7.66 -46.14
N LYS C 242 -23.31 8.43 -47.16
CA LYS C 242 -24.28 8.78 -48.18
C LYS C 242 -23.80 8.15 -49.48
N PRO C 243 -24.68 7.41 -50.15
CA PRO C 243 -24.30 6.77 -51.42
C PRO C 243 -23.89 7.80 -52.49
N SER C 244 -24.22 9.07 -52.26
CA SER C 244 -23.90 10.14 -53.20
C SER C 244 -22.45 10.61 -53.12
N PHE C 245 -21.71 10.10 -52.13
CA PHE C 245 -20.30 10.49 -51.97
C PHE C 245 -19.52 10.34 -53.26
N PRO C 246 -18.74 11.37 -53.63
CA PRO C 246 -17.94 11.32 -54.85
C PRO C 246 -17.07 10.07 -54.84
N LYS C 247 -16.51 9.74 -56.00
CA LYS C 247 -15.66 8.57 -56.13
C LYS C 247 -14.24 8.96 -56.49
N TRP C 248 -13.32 8.78 -55.55
CA TRP C 248 -11.91 9.09 -55.75
C TRP C 248 -11.08 7.81 -55.75
N ALA C 249 -9.85 7.90 -56.26
CA ALA C 249 -8.99 6.74 -56.34
C ALA C 249 -7.83 6.83 -55.35
N ARG C 250 -7.48 5.71 -54.77
CA ARG C 250 -6.38 5.66 -53.81
C ARG C 250 -5.10 6.18 -54.45
N GLN C 251 -4.50 7.20 -53.86
CA GLN C 251 -3.26 7.74 -54.40
C GLN C 251 -2.15 6.72 -54.20
N ASP C 252 -0.98 7.00 -54.76
CA ASP C 252 0.15 6.10 -54.61
C ASP C 252 0.95 6.57 -53.42
N PHE C 253 1.15 5.68 -52.46
CA PHE C 253 1.87 6.05 -51.26
C PHE C 253 3.26 6.59 -51.53
N SER C 254 3.81 6.27 -52.71
CA SER C 254 5.14 6.76 -53.06
C SER C 254 5.09 8.28 -53.14
N LYS C 255 3.88 8.83 -53.30
CA LYS C 255 3.70 10.27 -53.39
C LYS C 255 3.17 10.87 -52.09
N VAL C 256 2.37 10.10 -51.36
CA VAL C 256 1.81 10.57 -50.09
C VAL C 256 2.93 10.81 -49.09
N VAL C 257 3.86 9.86 -49.03
CA VAL C 257 5.00 9.94 -48.14
C VAL C 257 6.25 9.58 -48.96
N PRO C 258 6.71 10.52 -49.80
CA PRO C 258 7.88 10.34 -50.66
C PRO C 258 9.15 9.78 -50.00
N PRO C 259 9.63 10.43 -48.93
CA PRO C 259 10.85 9.96 -48.25
C PRO C 259 10.77 8.62 -47.54
N LEU C 260 9.62 7.97 -47.59
CA LEU C 260 9.46 6.69 -46.94
C LEU C 260 9.82 5.54 -47.86
N ASP C 261 10.52 4.54 -47.31
CA ASP C 261 10.91 3.37 -48.10
C ASP C 261 9.73 2.41 -48.20
N GLU C 262 9.98 1.21 -48.73
CA GLU C 262 8.92 0.23 -48.88
C GLU C 262 8.26 -0.11 -47.55
N ASP C 263 9.07 -0.32 -46.51
CA ASP C 263 8.55 -0.65 -45.19
C ASP C 263 7.70 0.48 -44.62
N GLY C 264 8.27 1.68 -44.61
CA GLY C 264 7.55 2.84 -44.09
C GLY C 264 6.18 2.95 -44.71
N ARG C 265 6.11 2.76 -46.02
CA ARG C 265 4.84 2.84 -46.73
C ARG C 265 3.90 1.72 -46.29
N SER C 266 4.46 0.53 -46.07
CA SER C 266 3.68 -0.62 -45.66
C SER C 266 3.01 -0.41 -44.29
N LEU C 267 3.79 0.08 -43.34
CA LEU C 267 3.28 0.34 -41.99
C LEU C 267 2.18 1.38 -42.04
N LEU C 268 2.50 2.56 -42.57
CA LEU C 268 1.52 3.64 -42.66
C LEU C 268 0.23 3.16 -43.28
N SER C 269 0.36 2.43 -44.37
CA SER C 269 -0.81 1.91 -45.08
C SER C 269 -1.66 1.04 -44.15
N GLN C 270 -1.01 0.21 -43.34
CA GLN C 270 -1.74 -0.67 -42.42
C GLN C 270 -2.35 0.13 -41.28
N MET C 271 -1.69 1.20 -40.88
CA MET C 271 -2.21 2.06 -39.82
C MET C 271 -3.39 2.91 -40.30
N LEU C 272 -3.52 3.08 -41.62
CA LEU C 272 -4.60 3.90 -42.17
C LEU C 272 -5.63 3.03 -42.88
N HIS C 273 -5.56 1.73 -42.62
CA HIS C 273 -6.51 0.82 -43.23
C HIS C 273 -7.90 1.34 -42.85
N TYR C 274 -8.82 1.30 -43.79
CA TYR C 274 -10.18 1.79 -43.54
C TYR C 274 -10.94 0.99 -42.49
N ASP C 275 -11.10 -0.30 -42.75
CA ASP C 275 -11.82 -1.17 -41.83
C ASP C 275 -11.11 -1.19 -40.50
N PRO C 276 -11.74 -0.66 -39.45
CA PRO C 276 -11.07 -0.66 -38.13
C PRO C 276 -10.71 -2.07 -37.66
N ASN C 277 -11.46 -3.08 -38.11
CA ASN C 277 -11.19 -4.47 -37.74
C ASN C 277 -9.87 -4.95 -38.34
N LYS C 278 -9.52 -4.43 -39.52
CA LYS C 278 -8.29 -4.82 -40.19
C LYS C 278 -7.12 -3.88 -39.89
N ARG C 279 -7.42 -2.68 -39.40
CA ARG C 279 -6.36 -1.74 -39.10
C ARG C 279 -5.36 -2.38 -38.13
N ILE C 280 -4.08 -2.24 -38.42
CA ILE C 280 -3.06 -2.85 -37.59
C ILE C 280 -3.12 -2.41 -36.13
N SER C 281 -2.87 -3.34 -35.22
CA SER C 281 -2.88 -3.06 -33.78
C SER C 281 -1.49 -2.55 -33.43
N ALA C 282 -1.37 -1.85 -32.31
CA ALA C 282 -0.06 -1.33 -31.93
C ALA C 282 0.92 -2.48 -31.68
N LYS C 283 0.39 -3.60 -31.21
CA LYS C 283 1.20 -4.78 -30.91
C LYS C 283 1.85 -5.22 -32.21
N ALA C 284 1.01 -5.57 -33.19
CA ALA C 284 1.49 -6.02 -34.49
C ALA C 284 2.38 -5.01 -35.21
N ALA C 285 2.14 -3.73 -34.99
CA ALA C 285 2.93 -2.69 -35.63
C ALA C 285 4.38 -2.71 -35.18
N LEU C 286 4.58 -3.01 -33.90
CA LEU C 286 5.94 -3.07 -33.34
C LEU C 286 6.77 -4.19 -33.95
N ALA C 287 6.09 -5.20 -34.47
CA ALA C 287 6.73 -6.36 -35.07
C ALA C 287 6.99 -6.15 -36.56
N HIS C 288 6.73 -4.95 -37.04
CA HIS C 288 6.91 -4.64 -38.46
C HIS C 288 8.37 -4.39 -38.82
N PRO C 289 8.83 -4.96 -39.95
CA PRO C 289 10.20 -4.83 -40.44
C PRO C 289 10.71 -3.39 -40.46
N PHE C 290 9.79 -2.44 -40.46
CA PHE C 290 10.15 -1.04 -40.48
C PHE C 290 11.05 -0.70 -39.29
N PHE C 291 10.83 -1.40 -38.16
CA PHE C 291 11.62 -1.14 -36.96
C PHE C 291 12.83 -2.05 -36.81
N GLN C 292 13.06 -2.88 -37.81
CA GLN C 292 14.18 -3.83 -37.86
C GLN C 292 15.49 -3.19 -37.39
N ASP C 293 15.68 -1.91 -37.72
CA ASP C 293 16.90 -1.20 -37.38
C ASP C 293 16.75 -0.05 -36.38
N VAL C 294 15.55 0.15 -35.85
CA VAL C 294 15.32 1.23 -34.90
C VAL C 294 16.50 1.50 -33.96
N THR C 295 16.74 2.78 -33.68
CA THR C 295 17.82 3.22 -32.79
C THR C 295 17.23 4.35 -31.93
N LYS C 296 17.98 4.85 -30.96
CA LYS C 296 17.45 5.92 -30.11
C LYS C 296 18.24 7.22 -30.20
N PRO C 297 18.12 7.95 -31.33
CA PRO C 297 18.80 9.22 -31.55
C PRO C 297 18.42 10.30 -30.54
N VAL C 298 19.30 11.26 -30.32
CA VAL C 298 19.00 12.35 -29.40
C VAL C 298 18.56 13.55 -30.24
N PRO C 299 17.45 14.18 -29.88
CA PRO C 299 16.96 15.34 -30.64
C PRO C 299 17.71 16.64 -30.36
N HIS C 300 17.70 17.52 -31.36
CA HIS C 300 18.35 18.82 -31.24
C HIS C 300 17.26 19.73 -30.68
N LEU C 301 17.12 19.77 -29.36
CA LEU C 301 16.10 20.61 -28.74
C LEU C 301 16.54 22.05 -28.59
N ARG C 302 15.81 22.94 -29.24
CA ARG C 302 16.09 24.37 -29.19
C ARG C 302 15.30 24.97 -28.03
N LEU C 303 15.77 24.73 -26.81
CA LEU C 303 15.11 25.24 -25.61
C LEU C 303 15.29 26.74 -25.45
N TYR D 11 -6.36 -7.41 -28.44
CA TYR D 11 -5.92 -7.42 -27.01
C TYR D 11 -6.96 -8.06 -26.12
N HIS D 12 -8.02 -8.57 -26.74
CA HIS D 12 -9.11 -9.22 -26.03
C HIS D 12 -8.57 -10.13 -24.93
N GLU D 13 -7.55 -10.91 -25.27
CA GLU D 13 -6.94 -11.82 -24.29
C GLU D 13 -6.03 -11.07 -23.32
N ASP D 14 -5.31 -10.08 -23.80
CA ASP D 14 -4.43 -9.29 -22.94
C ASP D 14 -5.28 -8.61 -21.89
N ILE D 15 -6.45 -8.14 -22.32
CA ILE D 15 -7.38 -7.44 -21.43
C ILE D 15 -7.97 -8.36 -20.39
N HIS D 16 -8.50 -9.50 -20.83
CA HIS D 16 -9.08 -10.46 -19.90
C HIS D 16 -8.05 -10.85 -18.84
N THR D 17 -6.83 -11.10 -19.27
CA THR D 17 -5.75 -11.48 -18.38
C THR D 17 -5.46 -10.38 -17.36
N TYR D 18 -5.50 -9.12 -17.81
CA TYR D 18 -5.24 -7.99 -16.92
C TYR D 18 -6.36 -7.86 -15.90
N LEU D 19 -7.60 -8.01 -16.36
CA LEU D 19 -8.75 -7.89 -15.48
C LEU D 19 -8.73 -9.01 -14.44
N ARG D 20 -8.24 -10.19 -14.84
CA ARG D 20 -8.15 -11.32 -13.91
C ARG D 20 -7.14 -10.98 -12.83
N GLU D 21 -6.09 -10.26 -13.21
CA GLU D 21 -5.05 -9.87 -12.27
C GLU D 21 -5.60 -8.82 -11.32
N MET D 22 -6.31 -7.84 -11.89
CA MET D 22 -6.87 -6.75 -11.10
C MET D 22 -8.00 -7.16 -10.16
N GLU D 23 -8.81 -8.15 -10.54
CA GLU D 23 -9.92 -8.53 -9.68
C GLU D 23 -9.45 -9.16 -8.38
N VAL D 24 -8.24 -9.71 -8.38
CA VAL D 24 -7.68 -10.32 -7.17
C VAL D 24 -7.10 -9.27 -6.21
N LYS D 25 -7.02 -8.02 -6.67
CA LYS D 25 -6.48 -6.94 -5.85
C LYS D 25 -7.54 -5.96 -5.33
N CYS D 26 -8.49 -5.59 -6.20
CA CYS D 26 -9.55 -4.65 -5.81
C CYS D 26 -10.60 -5.42 -5.00
N LYS D 27 -10.15 -6.40 -4.22
CA LYS D 27 -11.02 -7.24 -3.41
C LYS D 27 -11.19 -6.79 -1.96
N PRO D 28 -12.42 -6.48 -1.54
CA PRO D 28 -12.69 -6.05 -0.16
C PRO D 28 -12.62 -7.24 0.80
N LYS D 29 -12.52 -6.96 2.10
CA LYS D 29 -12.45 -8.00 3.11
C LYS D 29 -13.79 -8.73 3.20
N VAL D 30 -13.78 -10.02 2.83
CA VAL D 30 -14.98 -10.84 2.84
C VAL D 30 -15.84 -10.78 4.10
N GLY D 31 -15.22 -10.63 5.27
CA GLY D 31 -15.98 -10.58 6.50
C GLY D 31 -15.92 -9.23 7.19
N TYR D 32 -15.81 -8.15 6.43
CA TYR D 32 -15.73 -6.83 7.02
C TYR D 32 -16.97 -6.45 7.83
N MET D 33 -18.13 -6.94 7.40
CA MET D 33 -19.39 -6.60 8.05
C MET D 33 -19.46 -7.00 9.51
N LYS D 34 -18.92 -8.18 9.84
CA LYS D 34 -18.95 -8.64 11.21
C LYS D 34 -18.17 -7.68 12.11
N LYS D 35 -17.24 -6.93 11.51
CA LYS D 35 -16.42 -5.97 12.25
C LYS D 35 -16.99 -4.55 12.24
N GLN D 36 -18.11 -4.34 11.56
CA GLN D 36 -18.76 -3.04 11.55
C GLN D 36 -19.67 -3.09 12.79
N PRO D 37 -19.45 -2.17 13.73
CA PRO D 37 -20.26 -2.17 14.94
C PRO D 37 -21.71 -1.72 14.78
N ASP D 38 -22.01 -1.03 13.69
CA ASP D 38 -23.35 -0.50 13.55
C ASP D 38 -24.18 -0.86 12.33
N ILE D 39 -23.55 -1.36 11.28
CA ILE D 39 -24.31 -1.71 10.09
C ILE D 39 -24.31 -3.21 9.84
N THR D 40 -25.23 -3.64 9.00
CA THR D 40 -25.39 -5.06 8.73
C THR D 40 -25.56 -5.34 7.25
N ASN D 41 -25.60 -6.61 6.90
CA ASN D 41 -25.79 -7.01 5.53
C ASN D 41 -27.18 -6.57 5.05
N SER D 42 -28.14 -6.48 5.98
CA SER D 42 -29.49 -6.07 5.60
C SER D 42 -29.50 -4.59 5.22
N MET D 43 -28.78 -3.78 5.97
CA MET D 43 -28.72 -2.35 5.68
C MET D 43 -28.00 -2.13 4.35
N ARG D 44 -27.00 -2.96 4.07
CA ARG D 44 -26.26 -2.86 2.81
C ARG D 44 -27.20 -3.23 1.67
N ALA D 45 -28.01 -4.26 1.89
CA ALA D 45 -28.96 -4.71 0.90
C ALA D 45 -29.95 -3.59 0.56
N ILE D 46 -30.42 -2.90 1.59
CA ILE D 46 -31.35 -1.80 1.39
C ILE D 46 -30.65 -0.67 0.62
N LEU D 47 -29.38 -0.43 0.94
CA LEU D 47 -28.62 0.63 0.27
C LEU D 47 -28.41 0.32 -1.22
N VAL D 48 -27.94 -0.89 -1.51
CA VAL D 48 -27.69 -1.27 -2.89
C VAL D 48 -28.97 -1.22 -3.70
N ASP D 49 -30.05 -1.75 -3.14
CA ASP D 49 -31.34 -1.75 -3.81
C ASP D 49 -31.73 -0.32 -4.17
N TRP D 50 -31.44 0.61 -3.26
CA TRP D 50 -31.74 2.01 -3.48
C TRP D 50 -30.89 2.57 -4.62
N LEU D 51 -29.63 2.14 -4.71
CA LEU D 51 -28.76 2.60 -5.79
C LEU D 51 -29.34 2.18 -7.12
N VAL D 52 -29.93 0.99 -7.17
CA VAL D 52 -30.53 0.51 -8.41
C VAL D 52 -31.67 1.44 -8.83
N GLU D 53 -32.46 1.90 -7.87
CA GLU D 53 -33.57 2.82 -8.15
C GLU D 53 -33.04 4.14 -8.69
N VAL D 54 -32.00 4.66 -8.04
CA VAL D 54 -31.38 5.93 -8.43
C VAL D 54 -30.89 5.76 -9.87
N GLY D 55 -30.38 4.56 -10.15
CA GLY D 55 -29.88 4.26 -11.48
C GLY D 55 -30.98 4.34 -12.53
N GLU D 56 -32.18 3.95 -12.16
CA GLU D 56 -33.30 4.00 -13.08
C GLU D 56 -33.83 5.43 -13.19
N GLU D 57 -33.83 6.17 -12.09
CA GLU D 57 -34.31 7.55 -12.12
C GLU D 57 -33.43 8.43 -13.01
N TYR D 58 -32.11 8.26 -12.93
CA TYR D 58 -31.20 9.06 -13.73
C TYR D 58 -30.65 8.35 -14.95
N LYS D 59 -31.23 7.21 -15.28
CA LYS D 59 -30.83 6.43 -16.44
C LYS D 59 -29.31 6.22 -16.53
N LEU D 60 -28.72 5.75 -15.44
CA LEU D 60 -27.28 5.50 -15.40
C LEU D 60 -27.00 4.09 -15.90
N GLN D 61 -25.79 3.88 -16.42
CA GLN D 61 -25.36 2.58 -16.93
C GLN D 61 -25.28 1.56 -15.81
N ASN D 62 -25.40 0.28 -16.15
CA ASN D 62 -25.30 -0.77 -15.16
C ASN D 62 -23.87 -0.80 -14.57
N GLU D 63 -22.88 -0.52 -15.41
CA GLU D 63 -21.48 -0.50 -14.98
C GLU D 63 -21.28 0.50 -13.86
N THR D 64 -22.00 1.62 -13.92
CA THR D 64 -21.90 2.64 -12.89
C THR D 64 -22.37 2.06 -11.56
N LEU D 65 -23.46 1.29 -11.61
CA LEU D 65 -23.98 0.65 -10.42
C LEU D 65 -22.95 -0.33 -9.83
N HIS D 66 -22.39 -1.20 -10.66
CA HIS D 66 -21.40 -2.16 -10.18
C HIS D 66 -20.19 -1.48 -9.59
N LEU D 67 -19.69 -0.44 -10.26
CA LEU D 67 -18.53 0.27 -9.76
C LEU D 67 -18.83 0.86 -8.39
N ALA D 68 -20.01 1.46 -8.23
CA ALA D 68 -20.38 2.06 -6.96
C ALA D 68 -20.41 1.05 -5.81
N VAL D 69 -20.97 -0.13 -6.05
CA VAL D 69 -21.03 -1.17 -5.04
C VAL D 69 -19.59 -1.57 -4.66
N ASN D 70 -18.73 -1.65 -5.66
CA ASN D 70 -17.32 -1.98 -5.43
C ASN D 70 -16.66 -0.95 -4.53
N TYR D 71 -16.95 0.33 -4.75
CA TYR D 71 -16.34 1.38 -3.93
C TYR D 71 -16.86 1.31 -2.50
N ILE D 72 -18.15 1.08 -2.37
CA ILE D 72 -18.79 1.00 -1.06
C ILE D 72 -18.20 -0.13 -0.22
N ASP D 73 -18.10 -1.32 -0.80
CA ASP D 73 -17.56 -2.46 -0.08
C ASP D 73 -16.08 -2.28 0.30
N ARG D 74 -15.29 -1.67 -0.58
CA ARG D 74 -13.90 -1.45 -0.26
C ARG D 74 -13.77 -0.38 0.83
N PHE D 75 -14.63 0.64 0.77
CA PHE D 75 -14.60 1.70 1.76
C PHE D 75 -15.00 1.16 3.13
N LEU D 76 -16.07 0.36 3.15
CA LEU D 76 -16.52 -0.22 4.40
C LEU D 76 -15.52 -1.23 4.95
N SER D 77 -14.66 -1.77 4.08
CA SER D 77 -13.65 -2.73 4.51
C SER D 77 -12.63 -2.12 5.45
N SER D 78 -12.47 -0.80 5.42
CA SER D 78 -11.49 -0.19 6.30
C SER D 78 -11.99 1.00 7.10
N MET D 79 -13.28 1.31 7.01
CA MET D 79 -13.84 2.43 7.77
C MET D 79 -15.16 2.08 8.46
N SER D 80 -15.20 2.28 9.78
CA SER D 80 -16.43 2.04 10.53
C SER D 80 -17.35 3.18 10.14
N VAL D 81 -18.61 2.86 9.86
CA VAL D 81 -19.59 3.86 9.47
C VAL D 81 -20.90 3.60 10.20
N LEU D 82 -21.45 4.63 10.83
CA LEU D 82 -22.72 4.48 11.54
C LEU D 82 -23.90 4.42 10.56
N ARG D 83 -25.03 3.90 11.06
CA ARG D 83 -26.27 3.79 10.29
C ARG D 83 -26.58 5.07 9.49
N GLY D 84 -26.58 6.19 10.19
CA GLY D 84 -26.91 7.46 9.58
C GLY D 84 -26.01 8.00 8.48
N LYS D 85 -24.83 7.39 8.31
CA LYS D 85 -23.90 7.85 7.28
C LYS D 85 -23.72 6.84 6.16
N LEU D 86 -24.32 5.68 6.31
CA LEU D 86 -24.20 4.64 5.30
C LEU D 86 -24.66 5.15 3.93
N GLN D 87 -25.79 5.85 3.90
CA GLN D 87 -26.31 6.37 2.64
C GLN D 87 -25.41 7.49 2.11
N LEU D 88 -24.76 8.20 3.01
CA LEU D 88 -23.87 9.26 2.58
C LEU D 88 -22.70 8.63 1.80
N VAL D 89 -22.15 7.54 2.32
CA VAL D 89 -21.05 6.82 1.65
C VAL D 89 -21.55 6.35 0.29
N GLY D 90 -22.76 5.79 0.29
CA GLY D 90 -23.35 5.29 -0.94
C GLY D 90 -23.56 6.36 -1.99
N THR D 91 -24.06 7.52 -1.59
CA THR D 91 -24.31 8.62 -2.50
C THR D 91 -23.01 9.08 -3.14
N ALA D 92 -22.00 9.31 -2.31
CA ALA D 92 -20.70 9.75 -2.79
C ALA D 92 -20.12 8.71 -3.72
N ALA D 93 -20.35 7.44 -3.40
CA ALA D 93 -19.85 6.37 -4.25
C ALA D 93 -20.51 6.39 -5.63
N MET D 94 -21.82 6.60 -5.65
CA MET D 94 -22.56 6.65 -6.91
C MET D 94 -22.11 7.86 -7.72
N LEU D 95 -21.85 8.97 -7.04
CA LEU D 95 -21.39 10.17 -7.70
C LEU D 95 -20.03 9.93 -8.38
N LEU D 96 -19.14 9.23 -7.68
CA LEU D 96 -17.81 8.94 -8.21
C LEU D 96 -17.86 7.94 -9.35
N ALA D 97 -18.72 6.95 -9.26
CA ALA D 97 -18.82 5.96 -10.32
C ALA D 97 -19.37 6.63 -11.58
N SER D 98 -20.27 7.57 -11.38
CA SER D 98 -20.87 8.31 -12.49
C SER D 98 -19.81 9.14 -13.18
N LYS D 99 -19.04 9.89 -12.39
CA LYS D 99 -17.99 10.72 -12.94
C LYS D 99 -17.01 9.86 -13.71
N PHE D 100 -16.78 8.65 -13.25
CA PHE D 100 -15.84 7.78 -13.94
C PHE D 100 -16.40 7.13 -15.19
N GLU D 101 -17.60 6.59 -15.07
CA GLU D 101 -18.21 5.84 -16.17
C GLU D 101 -19.15 6.55 -17.15
N GLU D 102 -19.97 7.49 -16.69
CA GLU D 102 -20.93 8.14 -17.57
C GLU D 102 -20.36 9.16 -18.57
N ILE D 103 -20.98 9.25 -19.74
CA ILE D 103 -20.54 10.23 -20.73
C ILE D 103 -20.92 11.59 -20.17
N TYR D 104 -22.12 11.68 -19.61
CA TYR D 104 -22.60 12.93 -19.00
C TYR D 104 -23.05 12.60 -17.57
N PRO D 105 -22.17 12.75 -16.59
CA PRO D 105 -22.53 12.46 -15.20
C PRO D 105 -23.43 13.51 -14.56
N PRO D 106 -24.36 13.07 -13.70
CA PRO D 106 -25.27 14.01 -13.03
C PRO D 106 -24.46 14.92 -12.11
N GLU D 107 -24.97 16.13 -11.91
CA GLU D 107 -24.32 17.09 -11.03
C GLU D 107 -24.51 16.64 -9.57
N VAL D 108 -23.63 17.12 -8.71
CA VAL D 108 -23.71 16.80 -7.30
C VAL D 108 -25.08 17.17 -6.74
N ALA D 109 -25.63 18.29 -7.23
CA ALA D 109 -26.93 18.76 -6.76
C ALA D 109 -28.02 17.72 -6.96
N GLU D 110 -27.96 17.01 -8.07
CA GLU D 110 -28.95 15.98 -8.35
C GLU D 110 -28.81 14.79 -7.41
N PHE D 111 -27.59 14.47 -7.00
CA PHE D 111 -27.41 13.36 -6.07
C PHE D 111 -27.94 13.77 -4.71
N VAL D 112 -27.76 15.04 -4.35
CA VAL D 112 -28.28 15.54 -3.09
C VAL D 112 -29.81 15.49 -3.16
N TYR D 113 -30.35 15.79 -4.32
CA TYR D 113 -31.80 15.75 -4.48
C TYR D 113 -32.41 14.40 -4.14
N ILE D 114 -31.85 13.31 -4.67
CA ILE D 114 -32.42 11.99 -4.40
C ILE D 114 -32.13 11.39 -3.02
N THR D 115 -31.47 12.15 -2.15
CA THR D 115 -31.24 11.65 -0.80
C THR D 115 -32.27 12.37 0.05
N ASP D 116 -33.20 13.06 -0.62
CA ASP D 116 -34.27 13.83 0.03
C ASP D 116 -33.75 14.83 1.05
N ASP D 117 -32.63 15.46 0.72
CA ASP D 117 -32.02 16.44 1.61
C ASP D 117 -31.69 15.85 2.99
N THR D 118 -31.25 14.60 3.01
CA THR D 118 -30.83 13.97 4.26
C THR D 118 -29.45 14.61 4.54
N TYR D 119 -28.73 14.88 3.46
CA TYR D 119 -27.38 15.45 3.50
C TYR D 119 -27.29 16.71 2.62
N THR D 120 -26.25 17.51 2.81
CA THR D 120 -26.06 18.73 2.00
C THR D 120 -25.02 18.47 0.92
N LYS D 121 -24.86 19.40 -0.02
CA LYS D 121 -23.86 19.22 -1.07
C LYS D 121 -22.49 19.18 -0.42
N LYS D 122 -22.32 20.07 0.55
CA LYS D 122 -21.07 20.16 1.30
C LYS D 122 -20.70 18.77 1.81
N GLN D 123 -21.62 18.17 2.57
CA GLN D 123 -21.40 16.83 3.11
C GLN D 123 -21.05 15.82 2.02
N VAL D 124 -21.82 15.82 0.93
CA VAL D 124 -21.59 14.88 -0.15
C VAL D 124 -20.21 15.06 -0.77
N LEU D 125 -19.83 16.31 -1.03
CA LEU D 125 -18.52 16.54 -1.60
C LEU D 125 -17.39 16.24 -0.61
N ARG D 126 -17.64 16.44 0.68
CA ARG D 126 -16.60 16.14 1.67
C ARG D 126 -16.38 14.62 1.67
N MET D 127 -17.47 13.87 1.56
CA MET D 127 -17.40 12.42 1.55
C MET D 127 -16.75 11.90 0.26
N GLU D 128 -16.95 12.63 -0.84
CA GLU D 128 -16.34 12.22 -2.11
C GLU D 128 -14.82 12.22 -1.88
N HIS D 129 -14.36 13.29 -1.24
CA HIS D 129 -12.96 13.49 -0.93
C HIS D 129 -12.48 12.31 -0.08
N LEU D 130 -13.15 12.06 1.03
CA LEU D 130 -12.79 10.97 1.93
C LEU D 130 -12.75 9.62 1.21
N VAL D 131 -13.76 9.34 0.40
CA VAL D 131 -13.79 8.09 -0.34
C VAL D 131 -12.62 7.97 -1.29
N LEU D 132 -12.22 9.09 -1.90
CA LEU D 132 -11.08 9.09 -2.81
C LEU D 132 -9.79 8.82 -2.02
N LYS D 133 -9.68 9.44 -0.85
CA LYS D 133 -8.51 9.26 -0.02
C LYS D 133 -8.40 7.78 0.35
N VAL D 134 -9.48 7.22 0.88
CA VAL D 134 -9.50 5.82 1.30
C VAL D 134 -9.26 4.82 0.18
N LEU D 135 -9.79 5.09 -1.01
CA LEU D 135 -9.59 4.16 -2.12
C LEU D 135 -8.33 4.51 -2.89
N THR D 136 -7.64 5.58 -2.44
CA THR D 136 -6.43 6.09 -3.08
C THR D 136 -6.60 6.28 -4.60
N PHE D 137 -7.74 6.84 -5.00
CA PHE D 137 -8.05 7.11 -6.40
C PHE D 137 -8.06 5.91 -7.33
N ASP D 138 -8.08 4.71 -6.80
CA ASP D 138 -8.10 3.55 -7.68
C ASP D 138 -9.55 3.20 -7.99
N LEU D 139 -10.11 3.85 -9.01
CA LEU D 139 -11.50 3.66 -9.38
C LEU D 139 -11.80 2.78 -10.56
N ALA D 140 -10.79 2.43 -11.34
CA ALA D 140 -11.01 1.58 -12.49
C ALA D 140 -11.04 0.10 -12.11
N ALA D 141 -12.01 -0.27 -11.29
CA ALA D 141 -12.13 -1.65 -10.82
C ALA D 141 -12.85 -2.59 -11.77
N PRO D 142 -12.50 -3.87 -11.75
CA PRO D 142 -13.13 -4.87 -12.61
C PRO D 142 -14.52 -5.12 -12.02
N THR D 143 -15.44 -5.59 -12.84
CA THR D 143 -16.79 -5.83 -12.35
C THR D 143 -17.35 -7.08 -13.00
N VAL D 144 -18.43 -7.59 -12.42
CA VAL D 144 -19.10 -8.76 -12.97
C VAL D 144 -19.50 -8.36 -14.38
N ASN D 145 -19.89 -7.10 -14.50
CA ASN D 145 -20.34 -6.49 -15.75
C ASN D 145 -19.28 -6.61 -16.84
N GLN D 146 -18.06 -6.16 -16.56
CA GLN D 146 -16.96 -6.23 -17.52
C GLN D 146 -16.71 -7.67 -17.97
N PHE D 147 -16.72 -8.61 -17.04
CA PHE D 147 -16.49 -10.00 -17.40
C PHE D 147 -17.62 -10.54 -18.24
N LEU D 148 -18.86 -10.17 -17.92
CA LEU D 148 -19.99 -10.64 -18.72
C LEU D 148 -19.85 -10.12 -20.15
N THR D 149 -19.45 -8.86 -20.28
CA THR D 149 -19.27 -8.25 -21.59
C THR D 149 -18.31 -9.13 -22.39
N GLN D 150 -17.16 -9.44 -21.79
CA GLN D 150 -16.14 -10.27 -22.42
C GLN D 150 -16.67 -11.66 -22.77
N TYR D 151 -17.43 -12.28 -21.86
CA TYR D 151 -17.97 -13.60 -22.14
C TYR D 151 -19.01 -13.56 -23.25
N PHE D 152 -19.75 -12.46 -23.36
CA PHE D 152 -20.77 -12.35 -24.39
C PHE D 152 -20.22 -12.48 -25.82
N LEU D 153 -18.98 -12.04 -26.04
CA LEU D 153 -18.37 -12.15 -27.36
C LEU D 153 -18.20 -13.61 -27.76
N HIS D 154 -18.11 -14.49 -26.76
CA HIS D 154 -17.96 -15.92 -26.99
C HIS D 154 -19.32 -16.59 -27.11
N GLN D 155 -20.34 -15.78 -27.37
CA GLN D 155 -21.68 -16.30 -27.52
C GLN D 155 -22.08 -16.38 -28.97
N GLN D 156 -22.29 -17.60 -29.44
CA GLN D 156 -22.70 -17.84 -30.80
C GLN D 156 -23.72 -18.97 -30.75
N PRO D 157 -24.96 -18.69 -31.15
CA PRO D 157 -25.40 -17.37 -31.62
C PRO D 157 -25.72 -16.40 -30.48
N ALA D 158 -25.53 -15.11 -30.73
CA ALA D 158 -25.83 -14.08 -29.73
C ALA D 158 -27.34 -14.05 -29.47
N ASN D 159 -27.72 -14.12 -28.19
CA ASN D 159 -29.12 -14.11 -27.79
C ASN D 159 -29.42 -13.01 -26.77
N CYS D 160 -30.34 -12.11 -27.13
CA CYS D 160 -30.69 -10.98 -26.27
C CYS D 160 -31.30 -11.32 -24.92
N LYS D 161 -32.16 -12.33 -24.87
CA LYS D 161 -32.75 -12.71 -23.59
C LYS D 161 -31.66 -13.29 -22.67
N VAL D 162 -30.72 -14.03 -23.25
CA VAL D 162 -29.61 -14.61 -22.49
C VAL D 162 -28.77 -13.48 -21.91
N GLU D 163 -28.49 -12.48 -22.73
CA GLU D 163 -27.69 -11.35 -22.26
C GLU D 163 -28.43 -10.60 -21.16
N SER D 164 -29.74 -10.44 -21.30
CA SER D 164 -30.49 -9.72 -20.29
C SER D 164 -30.59 -10.52 -19.00
N LEU D 165 -30.91 -11.80 -19.12
CA LEU D 165 -31.02 -12.64 -17.95
C LEU D 165 -29.69 -12.71 -17.19
N ALA D 166 -28.60 -12.86 -17.92
CA ALA D 166 -27.29 -12.92 -17.28
C ALA D 166 -27.01 -11.61 -16.55
N MET D 167 -27.40 -10.50 -17.17
CA MET D 167 -27.22 -9.19 -16.56
C MET D 167 -28.02 -9.12 -15.26
N PHE D 168 -29.24 -9.61 -15.33
CA PHE D 168 -30.15 -9.64 -14.18
C PHE D 168 -29.54 -10.42 -13.00
N LEU D 169 -29.11 -11.65 -13.25
CA LEU D 169 -28.53 -12.49 -12.21
C LEU D 169 -27.27 -11.84 -11.62
N GLY D 170 -26.45 -11.24 -12.48
CA GLY D 170 -25.24 -10.60 -12.00
C GLY D 170 -25.58 -9.42 -11.09
N GLU D 171 -26.64 -8.71 -11.42
CA GLU D 171 -27.02 -7.57 -10.62
C GLU D 171 -27.60 -8.03 -9.27
N LEU D 172 -28.34 -9.14 -9.28
CA LEU D 172 -28.91 -9.66 -8.04
C LEU D 172 -27.80 -9.96 -7.01
N SER D 173 -26.65 -10.45 -7.49
CA SER D 173 -25.52 -10.78 -6.62
C SER D 173 -24.98 -9.55 -5.89
N LEU D 174 -25.30 -8.36 -6.38
CA LEU D 174 -24.83 -7.13 -5.74
C LEU D 174 -25.57 -6.84 -4.44
N ILE D 175 -26.79 -7.36 -4.31
CA ILE D 175 -27.62 -7.13 -3.14
C ILE D 175 -27.19 -7.87 -1.87
N ASP D 176 -26.70 -9.10 -2.00
CA ASP D 176 -26.34 -9.90 -0.83
C ASP D 176 -24.86 -10.17 -0.56
N ALA D 177 -24.29 -9.39 0.36
CA ALA D 177 -22.87 -9.51 0.75
C ALA D 177 -22.52 -10.97 1.04
N ASP D 178 -23.45 -11.65 1.72
CA ASP D 178 -23.30 -13.05 2.04
C ASP D 178 -24.29 -13.70 1.08
N PRO D 179 -23.83 -14.60 0.23
CA PRO D 179 -22.48 -15.14 0.02
C PRO D 179 -21.56 -14.50 -1.03
N TYR D 180 -22.09 -13.67 -1.91
CA TYR D 180 -21.30 -13.11 -3.00
C TYR D 180 -20.01 -12.36 -2.74
N LEU D 181 -19.84 -11.82 -1.55
CA LEU D 181 -18.59 -11.12 -1.27
C LEU D 181 -17.41 -12.10 -1.31
N LYS D 182 -17.67 -13.40 -1.26
CA LYS D 182 -16.57 -14.35 -1.26
C LYS D 182 -16.19 -14.91 -2.64
N TYR D 183 -16.93 -14.53 -3.68
CA TYR D 183 -16.61 -14.99 -5.02
C TYR D 183 -16.01 -13.82 -5.80
N LEU D 184 -15.22 -14.13 -6.83
CA LEU D 184 -14.62 -13.08 -7.65
C LEU D 184 -15.60 -12.72 -8.76
N PRO D 185 -15.52 -11.48 -9.26
CA PRO D 185 -16.39 -11.01 -10.34
C PRO D 185 -16.42 -12.00 -11.52
N SER D 186 -15.25 -12.42 -11.99
CA SER D 186 -15.20 -13.35 -13.12
C SER D 186 -15.97 -14.63 -12.84
N VAL D 187 -15.96 -15.07 -11.58
CA VAL D 187 -16.67 -16.29 -11.21
C VAL D 187 -18.18 -16.10 -11.22
N ILE D 188 -18.64 -15.01 -10.61
CA ILE D 188 -20.06 -14.72 -10.57
C ILE D 188 -20.52 -14.54 -12.02
N ALA D 189 -19.73 -13.82 -12.81
CA ALA D 189 -20.08 -13.59 -14.22
C ALA D 189 -20.24 -14.93 -14.91
N GLY D 190 -19.30 -15.84 -14.64
CA GLY D 190 -19.36 -17.17 -15.24
C GLY D 190 -20.61 -17.90 -14.83
N ALA D 191 -20.94 -17.86 -13.53
CA ALA D 191 -22.13 -18.53 -13.06
C ALA D 191 -23.38 -17.91 -13.68
N ALA D 192 -23.40 -16.58 -13.74
CA ALA D 192 -24.54 -15.86 -14.30
C ALA D 192 -24.71 -16.19 -15.79
N PHE D 193 -23.61 -16.17 -16.52
CA PHE D 193 -23.69 -16.49 -17.96
C PHE D 193 -24.23 -17.91 -18.17
N HIS D 194 -23.68 -18.86 -17.43
CA HIS D 194 -24.12 -20.25 -17.56
C HIS D 194 -25.60 -20.44 -17.21
N LEU D 195 -26.00 -19.93 -16.05
CA LEU D 195 -27.37 -20.06 -15.60
C LEU D 195 -28.36 -19.39 -16.57
N ALA D 196 -27.99 -18.23 -17.10
CA ALA D 196 -28.89 -17.54 -18.04
C ALA D 196 -28.98 -18.33 -19.35
N LEU D 197 -27.82 -18.78 -19.84
CA LEU D 197 -27.78 -19.54 -21.07
C LEU D 197 -28.61 -20.81 -20.90
N TYR D 198 -28.43 -21.47 -19.75
CA TYR D 198 -29.15 -22.69 -19.47
C TYR D 198 -30.66 -22.45 -19.36
N THR D 199 -31.04 -21.38 -18.67
CA THR D 199 -32.45 -21.07 -18.48
C THR D 199 -33.17 -20.75 -19.81
N VAL D 200 -32.52 -19.99 -20.67
CA VAL D 200 -33.14 -19.61 -21.93
C VAL D 200 -33.03 -20.60 -23.08
N THR D 201 -31.85 -21.19 -23.28
CA THR D 201 -31.64 -22.11 -24.40
C THR D 201 -31.36 -23.57 -24.05
N GLY D 202 -31.14 -23.85 -22.78
CA GLY D 202 -30.83 -25.23 -22.39
C GLY D 202 -29.34 -25.53 -22.59
N GLN D 203 -28.61 -24.59 -23.19
CA GLN D 203 -27.18 -24.75 -23.43
C GLN D 203 -26.40 -24.62 -22.13
N SER D 204 -25.09 -24.92 -22.19
CA SER D 204 -24.25 -24.83 -21.02
C SER D 204 -22.95 -24.07 -21.27
N TRP D 205 -22.27 -23.75 -20.19
CA TRP D 205 -20.98 -23.04 -20.22
C TRP D 205 -20.20 -23.61 -21.41
N PRO D 206 -20.01 -22.81 -22.47
CA PRO D 206 -19.28 -23.20 -23.68
C PRO D 206 -17.80 -23.55 -23.55
N GLU D 207 -17.37 -24.46 -24.41
CA GLU D 207 -15.97 -24.92 -24.45
C GLU D 207 -15.01 -23.75 -24.66
N SER D 208 -15.43 -22.80 -25.51
CA SER D 208 -14.60 -21.64 -25.78
C SER D 208 -14.33 -20.80 -24.53
N LEU D 209 -15.29 -20.76 -23.61
CA LEU D 209 -15.08 -19.98 -22.38
C LEU D 209 -14.29 -20.79 -21.35
N ILE D 210 -14.41 -22.11 -21.44
CA ILE D 210 -13.63 -22.96 -20.53
C ILE D 210 -12.18 -22.71 -20.88
N ARG D 211 -11.91 -22.64 -22.19
CA ARG D 211 -10.54 -22.40 -22.66
C ARG D 211 -10.11 -20.97 -22.32
N LYS D 212 -10.98 -20.00 -22.59
CA LYS D 212 -10.65 -18.60 -22.33
C LYS D 212 -10.40 -18.29 -20.86
N THR D 213 -11.34 -18.68 -20.00
CA THR D 213 -11.26 -18.39 -18.58
C THR D 213 -10.53 -19.43 -17.76
N GLY D 214 -10.53 -20.66 -18.24
CA GLY D 214 -9.89 -21.73 -17.50
C GLY D 214 -10.83 -22.21 -16.40
N TYR D 215 -12.10 -21.78 -16.46
CA TYR D 215 -13.07 -22.21 -15.47
C TYR D 215 -13.92 -23.31 -16.07
N THR D 216 -14.19 -24.33 -15.27
CA THR D 216 -15.00 -25.45 -15.71
C THR D 216 -16.35 -25.32 -15.02
N LEU D 217 -17.34 -26.01 -15.55
CA LEU D 217 -18.67 -25.98 -14.98
C LEU D 217 -18.59 -26.48 -13.53
N GLU D 218 -17.54 -27.25 -13.25
CA GLU D 218 -17.34 -27.81 -11.92
C GLU D 218 -16.78 -26.80 -10.95
N SER D 219 -15.86 -25.97 -11.41
CA SER D 219 -15.25 -24.96 -10.56
C SER D 219 -16.24 -23.81 -10.29
N LEU D 220 -17.28 -23.73 -11.11
CA LEU D 220 -18.28 -22.68 -10.96
C LEU D 220 -19.44 -23.18 -10.11
N LYS D 221 -19.51 -24.49 -9.93
CA LYS D 221 -20.60 -25.11 -9.17
C LYS D 221 -20.94 -24.43 -7.84
N PRO D 222 -19.94 -24.18 -6.99
CA PRO D 222 -20.26 -23.53 -5.71
C PRO D 222 -21.02 -22.22 -5.88
N CYS D 223 -20.47 -21.32 -6.68
CA CYS D 223 -21.09 -20.01 -6.93
C CYS D 223 -22.42 -20.19 -7.66
N LEU D 224 -22.45 -21.13 -8.58
CA LEU D 224 -23.64 -21.44 -9.35
C LEU D 224 -24.74 -21.99 -8.44
N MET D 225 -24.37 -22.72 -7.40
CA MET D 225 -25.36 -23.27 -6.47
C MET D 225 -26.01 -22.12 -5.70
N ASP D 226 -25.20 -21.15 -5.30
CA ASP D 226 -25.69 -19.99 -4.58
C ASP D 226 -26.57 -19.12 -5.47
N LEU D 227 -26.09 -18.83 -6.68
CA LEU D 227 -26.83 -17.98 -7.61
C LEU D 227 -28.18 -18.55 -8.00
N HIS D 228 -28.24 -19.87 -8.17
CA HIS D 228 -29.48 -20.54 -8.52
C HIS D 228 -30.45 -20.33 -7.36
N GLN D 229 -29.93 -20.42 -6.14
CA GLN D 229 -30.75 -20.23 -4.94
C GLN D 229 -31.29 -18.79 -4.96
N THR D 230 -30.39 -17.84 -5.16
CA THR D 230 -30.74 -16.43 -5.22
C THR D 230 -31.84 -16.19 -6.27
N TYR D 231 -31.70 -16.85 -7.41
CA TYR D 231 -32.63 -16.73 -8.52
C TYR D 231 -33.99 -17.32 -8.19
N LEU D 232 -34.00 -18.52 -7.62
CA LEU D 232 -35.25 -19.18 -7.26
C LEU D 232 -36.05 -18.39 -6.24
N LYS D 233 -35.34 -17.72 -5.34
CA LYS D 233 -35.96 -16.95 -4.28
C LYS D 233 -36.20 -15.47 -4.58
N ALA D 234 -35.68 -14.98 -5.69
CA ALA D 234 -35.82 -13.56 -6.04
C ALA D 234 -37.20 -12.94 -5.79
N PRO D 235 -38.26 -13.62 -6.22
CA PRO D 235 -39.61 -13.09 -6.01
C PRO D 235 -39.98 -12.85 -4.53
N GLN D 236 -39.30 -13.55 -3.63
CA GLN D 236 -39.58 -13.37 -2.21
C GLN D 236 -38.50 -12.60 -1.44
N HIS D 237 -37.61 -11.94 -2.17
CA HIS D 237 -36.57 -11.16 -1.52
C HIS D 237 -37.16 -9.82 -1.08
N ALA D 238 -36.77 -9.33 0.08
CA ALA D 238 -37.28 -8.05 0.56
C ALA D 238 -36.90 -6.91 -0.39
N GLN D 239 -35.78 -7.06 -1.09
CA GLN D 239 -35.31 -6.06 -2.06
C GLN D 239 -35.85 -6.45 -3.44
N GLN D 240 -36.65 -5.56 -4.05
CA GLN D 240 -37.26 -5.85 -5.35
C GLN D 240 -36.93 -4.93 -6.53
N SER D 241 -36.15 -3.87 -6.31
CA SER D 241 -35.83 -2.96 -7.39
C SER D 241 -35.23 -3.57 -8.66
N ILE D 242 -34.34 -4.56 -8.50
CA ILE D 242 -33.73 -5.20 -9.66
C ILE D 242 -34.77 -6.00 -10.48
N ARG D 243 -35.69 -6.70 -9.82
CA ARG D 243 -36.70 -7.45 -10.56
C ARG D 243 -37.63 -6.48 -11.31
N GLU D 244 -37.97 -5.36 -10.67
CA GLU D 244 -38.83 -4.38 -11.31
C GLU D 244 -38.14 -3.81 -12.53
N LYS D 245 -36.84 -3.54 -12.41
CA LYS D 245 -36.06 -3.00 -13.51
C LYS D 245 -36.03 -3.99 -14.67
N TYR D 246 -35.80 -5.26 -14.36
CA TYR D 246 -35.73 -6.25 -15.42
C TYR D 246 -37.06 -6.78 -15.93
N LYS D 247 -38.14 -6.11 -15.54
CA LYS D 247 -39.46 -6.47 -16.05
C LYS D 247 -39.67 -5.60 -17.31
N ASN D 248 -38.84 -4.57 -17.44
CA ASN D 248 -38.91 -3.62 -18.57
C ASN D 248 -38.61 -4.24 -19.93
N SER D 249 -39.21 -3.65 -20.96
CA SER D 249 -39.01 -4.09 -22.33
C SER D 249 -37.53 -4.04 -22.75
N LYS D 250 -36.78 -3.07 -22.23
CA LYS D 250 -35.37 -3.00 -22.60
C LYS D 250 -34.62 -4.26 -22.15
N TYR D 251 -35.17 -4.98 -21.18
CA TYR D 251 -34.56 -6.22 -20.69
C TYR D 251 -35.41 -7.44 -21.00
N HIS D 252 -36.29 -7.29 -21.98
CA HIS D 252 -37.16 -8.37 -22.45
C HIS D 252 -37.94 -9.02 -21.32
N GLY D 253 -38.15 -8.26 -20.25
CA GLY D 253 -38.87 -8.78 -19.09
C GLY D 253 -38.37 -10.11 -18.57
N VAL D 254 -37.04 -10.34 -18.65
CA VAL D 254 -36.47 -11.60 -18.20
C VAL D 254 -36.67 -11.95 -16.73
N SER D 255 -36.86 -10.96 -15.86
CA SER D 255 -37.04 -11.28 -14.45
C SER D 255 -38.35 -12.04 -14.20
N LEU D 256 -39.18 -12.14 -15.24
CA LEU D 256 -40.43 -12.87 -15.11
C LEU D 256 -40.29 -14.32 -15.59
N LEU D 257 -39.14 -14.64 -16.19
CA LEU D 257 -38.89 -16.00 -16.66
C LEU D 257 -38.75 -16.96 -15.47
N ASN D 258 -39.30 -18.16 -15.62
CA ASN D 258 -39.22 -19.18 -14.58
C ASN D 258 -37.84 -19.78 -14.49
N PRO D 259 -37.26 -19.84 -13.28
CA PRO D 259 -35.93 -20.43 -13.16
C PRO D 259 -36.02 -21.94 -13.37
N PRO D 260 -34.92 -22.56 -13.79
CA PRO D 260 -34.93 -24.01 -14.00
C PRO D 260 -35.07 -24.69 -12.64
N GLU D 261 -35.85 -25.76 -12.58
CA GLU D 261 -36.04 -26.46 -11.31
C GLU D 261 -34.74 -27.09 -10.86
N THR D 262 -33.95 -27.55 -11.82
CA THR D 262 -32.66 -28.16 -11.49
C THR D 262 -31.58 -27.80 -12.51
N LEU D 263 -30.35 -27.68 -12.03
CA LEU D 263 -29.24 -27.34 -12.92
C LEU D 263 -28.67 -28.59 -13.54
N ASN D 264 -29.12 -29.74 -13.04
CA ASN D 264 -28.68 -31.03 -13.54
C ASN D 264 -27.15 -31.09 -13.67
N LEU D 265 -26.45 -30.63 -12.64
CA LEU D 265 -24.99 -30.64 -12.66
C LEU D 265 -24.42 -32.00 -12.26
N1 529 E . -13.22 11.58 29.84
C2 529 E . -12.68 12.62 30.76
C3 529 E . -13.71 13.75 30.71
N4 529 E . -14.70 13.22 29.78
C5 529 E . -14.39 12.04 29.32
N6 529 E . -8.52 5.27 23.25
N7 529 E . -9.45 5.24 24.21
C8 529 E . -8.94 5.89 25.30
C9 529 E . -7.65 6.33 25.00
C10 529 E . -7.41 5.94 23.70
C11 529 E . -6.13 6.16 22.88
C12 529 E . -5.10 7.13 23.48
C13 529 E . -4.73 5.68 23.08
N14 529 E . -9.67 6.02 26.54
C15 529 E . -9.36 6.61 27.70
C16 529 E . -10.41 6.46 28.83
O17 529 E . -8.29 7.21 27.91
C18 529 E . -11.11 7.80 29.12
C19 529 E . -12.34 8.07 28.46
C20 529 E . -13.02 9.27 28.67
C21 529 E . -12.50 10.27 29.57
C22 529 E . -11.26 9.98 30.24
C23 529 E . -10.58 8.78 30.02
O24 529 E . -15.13 11.46 28.51
C25 529 E . -9.75 5.84 30.09
S SO4 F . -7.60 -24.34 47.32
O1 SO4 F . -6.23 -24.67 47.75
O2 SO4 F . -7.82 -24.75 45.91
O3 SO4 F . -8.56 -25.05 48.19
O4 SO4 F . -7.82 -22.88 47.45
N1 529 G . 7.68 26.76 -20.70
C2 529 G . 6.75 27.88 -21.02
C3 529 G . 7.41 29.15 -20.46
N4 529 G . 8.65 28.59 -19.89
C5 529 G . 8.74 27.29 -20.05
N6 529 G . 5.30 17.10 -17.89
N7 529 G . 6.14 17.77 -18.69
C8 529 G . 5.40 18.64 -19.46
C9 529 G . 4.05 18.52 -19.11
C10 529 G . 3.99 17.54 -18.12
C11 529 G . 2.75 17.00 -17.40
C12 529 G . 1.62 18.03 -17.18
C13 529 G . 1.37 16.68 -17.90
N14 529 G . 6.00 19.51 -20.46
C15 529 G . 5.50 20.44 -21.30
C16 529 G . 6.55 21.13 -22.24
O17 529 G . 4.28 20.73 -21.37
C18 529 G . 6.81 22.60 -21.85
C19 529 G . 8.01 22.91 -21.14
C20 529 G . 8.30 24.24 -20.78
C21 529 G . 7.41 25.32 -21.09
C22 529 G . 6.19 24.99 -21.80
C23 529 G . 5.90 23.66 -22.17
O24 529 G . 9.75 26.69 -19.61
C25 529 G . 6.11 20.99 -23.73
S SO4 H . -44.50 -10.33 -9.38
O1 SO4 H . -44.47 -11.36 -8.33
O2 SO4 H . -43.30 -9.47 -9.25
O3 SO4 H . -44.51 -10.98 -10.70
O4 SO4 H . -45.71 -9.50 -9.22
#